data_1G0O
#
_entry.id   1G0O
#
_cell.length_a   65.000
_cell.length_b   143.300
_cell.length_c   141.300
_cell.angle_alpha   90.00
_cell.angle_beta   90.00
_cell.angle_gamma   90.00
#
_symmetry.space_group_name_H-M   'P 21 21 21'
#
loop_
_entity.id
_entity.type
_entity.pdbx_description
1 polymer 'TRIHYDROXYNAPHTHALENE REDUCTASE'
2 non-polymer 'NADPH DIHYDRO-NICOTINAMIDE-ADENINE-DINUCLEOTIDE PHOSPHATE'
3 non-polymer PYROQUILON
4 water water
#
_entity_poly.entity_id   1
_entity_poly.type   'polypeptide(L)'
_entity_poly.pdbx_seq_one_letter_code
;MPAVTQPRGESKYDAIPGPLGPQSASLEGKVALVTGAGRGIGREMAMELGRRGCKVIVNYANSTESAEEVVAAIKKNGSD
AACVKANVGVVEDIVRMFEEAVKIFGKLDIVCSNSGVVSFGHVKDVTPEEFDRVFTINTRGQFFVAREAYKHLEIGGRLI
LMGSITGQAKAVPKHAVYSGSKGAIETFARCMAIDMADKKITVNVVAPGGIKTDMYHAVCREYIPNGENLSNEEVDEYAA
VQWSPLRRVGLPIDIARVVCFLASNDGGWVTGKVIGIDGGACM
;
_entity_poly.pdbx_strand_id   A,B,C,D
#
# COMPACT_ATOMS: atom_id res chain seq x y z
N LYS A 12 -10.70 8.38 -32.53
CA LYS A 12 -11.82 7.70 -31.87
C LYS A 12 -11.68 7.71 -30.36
N TYR A 13 -10.44 7.82 -29.90
CA TYR A 13 -10.13 7.86 -28.46
C TYR A 13 -10.37 9.26 -27.86
N ASP A 14 -10.84 10.20 -28.68
CA ASP A 14 -11.13 11.56 -28.21
C ASP A 14 -12.59 11.71 -27.84
N ALA A 15 -13.38 10.67 -28.07
CA ALA A 15 -14.80 10.73 -27.76
C ALA A 15 -15.06 10.80 -26.26
N ILE A 16 -15.88 11.77 -25.86
CA ILE A 16 -16.23 11.95 -24.44
C ILE A 16 -17.24 10.88 -24.03
N PRO A 17 -16.91 10.13 -22.97
CA PRO A 17 -17.81 9.08 -22.47
C PRO A 17 -18.89 9.68 -21.59
N GLY A 18 -20.13 9.65 -22.04
CA GLY A 18 -21.21 10.19 -21.23
C GLY A 18 -21.35 11.70 -21.31
N PRO A 19 -22.33 12.25 -20.60
CA PRO A 19 -22.56 13.69 -20.61
C PRO A 19 -21.64 14.57 -19.79
N LEU A 20 -21.37 15.77 -20.33
CA LEU A 20 -20.59 16.77 -19.62
C LEU A 20 -21.59 17.39 -18.62
N GLY A 21 -21.09 17.97 -17.54
CA GLY A 21 -21.97 18.57 -16.56
C GLY A 21 -22.52 17.60 -15.52
N PRO A 22 -23.39 18.11 -14.63
CA PRO A 22 -24.03 17.37 -13.53
C PRO A 22 -24.80 16.10 -13.88
N GLN A 23 -25.27 15.98 -15.13
CA GLN A 23 -25.99 14.80 -15.58
C GLN A 23 -25.16 13.52 -15.43
N SER A 24 -23.84 13.67 -15.43
CA SER A 24 -22.92 12.55 -15.30
C SER A 24 -23.04 11.84 -13.92
N ALA A 25 -23.62 12.53 -12.95
CA ALA A 25 -23.82 11.99 -11.60
C ALA A 25 -25.19 11.30 -11.47
N SER A 26 -26.03 11.46 -12.48
CA SER A 26 -27.39 10.89 -12.46
C SER A 26 -27.48 9.37 -12.51
N LEU A 27 -28.41 8.82 -11.73
CA LEU A 27 -28.65 7.38 -11.73
C LEU A 27 -30.10 7.14 -12.17
N GLU A 28 -30.69 8.15 -12.79
CA GLU A 28 -32.06 8.07 -13.28
C GLU A 28 -32.23 6.92 -14.27
N GLY A 29 -33.20 6.06 -14.00
CA GLY A 29 -33.47 4.94 -14.89
C GLY A 29 -32.63 3.69 -14.74
N LYS A 30 -31.62 3.73 -13.88
CA LYS A 30 -30.79 2.55 -13.67
C LYS A 30 -31.47 1.55 -12.74
N VAL A 31 -31.05 0.29 -12.84
CA VAL A 31 -31.60 -0.76 -11.99
C VAL A 31 -30.45 -1.30 -11.15
N ALA A 32 -30.59 -1.27 -9.82
CA ALA A 32 -29.55 -1.76 -8.94
C ALA A 32 -30.02 -2.88 -8.05
N LEU A 33 -29.10 -3.78 -7.68
CA LEU A 33 -29.41 -4.88 -6.77
C LEU A 33 -28.42 -4.70 -5.60
N VAL A 34 -28.93 -4.76 -4.37
CA VAL A 34 -28.08 -4.60 -3.19
C VAL A 34 -28.28 -5.82 -2.28
N THR A 35 -27.20 -6.53 -1.96
CA THR A 35 -27.33 -7.71 -1.07
C THR A 35 -27.36 -7.25 0.38
N GLY A 36 -28.25 -7.84 1.17
CA GLY A 36 -28.39 -7.46 2.57
C GLY A 36 -28.88 -6.03 2.75
N ALA A 37 -29.86 -5.62 1.93
CA ALA A 37 -30.42 -4.26 1.98
C ALA A 37 -31.60 -4.06 2.94
N GLY A 38 -31.91 -5.10 3.73
CA GLY A 38 -32.99 -4.98 4.70
C GLY A 38 -32.66 -4.07 5.88
N ARG A 39 -31.36 -3.92 6.17
CA ARG A 39 -30.90 -3.08 7.27
C ARG A 39 -29.44 -2.64 7.12
N GLY A 40 -28.99 -1.79 8.05
CA GLY A 40 -27.62 -1.30 8.05
C GLY A 40 -27.18 -0.52 6.83
N ILE A 41 -25.91 -0.68 6.46
CA ILE A 41 -25.35 0.01 5.31
C ILE A 41 -26.10 -0.32 4.00
N GLY A 42 -26.41 -1.60 3.81
CA GLY A 42 -27.14 -2.06 2.64
C GLY A 42 -28.47 -1.33 2.49
N ARG A 43 -29.18 -1.16 3.61
CA ARG A 43 -30.45 -0.45 3.59
C ARG A 43 -30.28 0.98 3.07
N GLU A 44 -29.28 1.70 3.60
CA GLU A 44 -29.05 3.08 3.15
C GLU A 44 -28.55 3.16 1.70
N MET A 45 -27.82 2.14 1.25
CA MET A 45 -27.37 2.12 -0.14
C MET A 45 -28.64 2.06 -1.01
N ALA A 46 -29.56 1.17 -0.65
CA ALA A 46 -30.83 1.01 -1.36
C ALA A 46 -31.64 2.32 -1.39
N MET A 47 -31.77 2.94 -0.22
CA MET A 47 -32.52 4.20 -0.08
C MET A 47 -31.92 5.33 -0.93
N GLU A 48 -30.60 5.51 -0.84
CA GLU A 48 -29.94 6.56 -1.59
C GLU A 48 -29.93 6.33 -3.11
N LEU A 49 -29.66 5.11 -3.55
CA LEU A 49 -29.72 4.79 -4.97
C LEU A 49 -31.14 5.14 -5.48
N GLY A 50 -32.15 4.78 -4.67
CA GLY A 50 -33.53 5.07 -5.02
C GLY A 50 -33.79 6.57 -5.14
N ARG A 51 -33.35 7.35 -4.15
CA ARG A 51 -33.53 8.80 -4.17
C ARG A 51 -32.88 9.43 -5.41
N ARG A 52 -31.85 8.76 -5.94
CA ARG A 52 -31.14 9.24 -7.13
C ARG A 52 -31.70 8.73 -8.46
N GLY A 53 -32.87 8.08 -8.39
CA GLY A 53 -33.53 7.59 -9.59
C GLY A 53 -33.47 6.12 -9.95
N CYS A 54 -32.79 5.31 -9.14
CA CYS A 54 -32.67 3.88 -9.41
C CYS A 54 -33.85 3.04 -8.97
N LYS A 55 -34.16 2.01 -9.74
CA LYS A 55 -35.17 1.04 -9.32
C LYS A 55 -34.24 0.12 -8.52
N VAL A 56 -34.69 -0.35 -7.36
CA VAL A 56 -33.82 -1.15 -6.51
C VAL A 56 -34.35 -2.53 -6.10
N ILE A 57 -33.50 -3.55 -6.24
CA ILE A 57 -33.83 -4.91 -5.82
C ILE A 57 -33.17 -5.06 -4.45
N VAL A 58 -34.01 -5.16 -3.42
CA VAL A 58 -33.61 -5.30 -2.02
C VAL A 58 -33.46 -6.76 -1.64
N ASN A 59 -32.22 -7.26 -1.56
CA ASN A 59 -32.00 -8.64 -1.16
C ASN A 59 -31.91 -8.70 0.37
N TYR A 60 -32.36 -9.84 0.91
CA TYR A 60 -32.32 -10.10 2.34
C TYR A 60 -32.22 -11.62 2.51
N ALA A 61 -31.74 -12.05 3.67
CA ALA A 61 -31.62 -13.47 3.96
C ALA A 61 -32.60 -13.88 5.05
N ASN A 62 -32.71 -13.02 6.08
CA ASN A 62 -33.56 -13.24 7.25
C ASN A 62 -34.58 -12.15 7.55
N SER A 63 -34.15 -10.89 7.45
CA SER A 63 -34.98 -9.72 7.74
C SER A 63 -36.09 -9.42 6.72
N THR A 64 -37.09 -10.27 6.70
CA THR A 64 -38.21 -10.15 5.78
C THR A 64 -39.06 -8.89 5.92
N GLU A 65 -39.52 -8.62 7.14
CA GLU A 65 -40.34 -7.45 7.41
C GLU A 65 -39.57 -6.16 7.12
N SER A 66 -38.31 -6.11 7.54
CA SER A 66 -37.46 -4.95 7.31
C SER A 66 -37.29 -4.70 5.82
N ALA A 67 -37.08 -5.77 5.06
CA ALA A 67 -36.89 -5.68 3.62
C ALA A 67 -38.14 -5.09 2.97
N GLU A 68 -39.31 -5.54 3.42
CA GLU A 68 -40.57 -5.03 2.90
C GLU A 68 -40.72 -3.54 3.17
N GLU A 69 -40.26 -3.11 4.35
CA GLU A 69 -40.32 -1.71 4.75
C GLU A 69 -39.42 -0.85 3.87
N VAL A 70 -38.24 -1.35 3.55
CA VAL A 70 -37.31 -0.63 2.67
C VAL A 70 -37.92 -0.44 1.28
N VAL A 71 -38.48 -1.52 0.73
CA VAL A 71 -39.11 -1.48 -0.58
C VAL A 71 -40.22 -0.43 -0.59
N ALA A 72 -41.04 -0.41 0.46
CA ALA A 72 -42.14 0.57 0.54
C ALA A 72 -41.61 2.00 0.65
N ALA A 73 -40.51 2.17 1.39
CA ALA A 73 -39.92 3.49 1.58
C ALA A 73 -39.33 4.04 0.29
N ILE A 74 -38.75 3.16 -0.52
CA ILE A 74 -38.17 3.55 -1.79
C ILE A 74 -39.27 4.01 -2.75
N LYS A 75 -40.38 3.26 -2.79
CA LYS A 75 -41.51 3.62 -3.64
C LYS A 75 -42.05 4.99 -3.20
N LYS A 76 -42.17 5.18 -1.89
CA LYS A 76 -42.68 6.42 -1.32
C LYS A 76 -41.79 7.62 -1.75
N ASN A 77 -40.50 7.35 -1.93
CA ASN A 77 -39.58 8.40 -2.36
C ASN A 77 -39.60 8.65 -3.87
N GLY A 78 -40.37 7.86 -4.62
CA GLY A 78 -40.45 8.07 -6.05
C GLY A 78 -39.76 7.11 -7.02
N SER A 79 -39.29 5.96 -6.51
CA SER A 79 -38.64 4.96 -7.36
C SER A 79 -39.22 3.59 -7.10
N ASP A 80 -39.15 2.72 -8.10
CA ASP A 80 -39.70 1.36 -7.93
C ASP A 80 -38.68 0.51 -7.18
N ALA A 81 -39.19 -0.50 -6.47
CA ALA A 81 -38.35 -1.42 -5.71
C ALA A 81 -39.05 -2.75 -5.55
N ALA A 82 -38.27 -3.78 -5.24
CA ALA A 82 -38.79 -5.13 -5.04
C ALA A 82 -37.76 -5.86 -4.19
N CYS A 83 -38.17 -6.86 -3.42
CA CYS A 83 -37.24 -7.61 -2.59
C CYS A 83 -37.10 -9.05 -3.06
N VAL A 84 -35.92 -9.63 -2.82
CA VAL A 84 -35.64 -11.01 -3.21
C VAL A 84 -34.86 -11.68 -2.10
N LYS A 85 -35.38 -12.80 -1.62
CA LYS A 85 -34.74 -13.54 -0.54
C LYS A 85 -33.68 -14.47 -1.11
N ALA A 86 -32.51 -14.45 -0.48
CA ALA A 86 -31.40 -15.27 -0.90
C ALA A 86 -30.28 -15.19 0.13
N ASN A 87 -29.70 -16.36 0.44
CA ASN A 87 -28.60 -16.51 1.38
C ASN A 87 -27.32 -16.63 0.54
N VAL A 88 -26.40 -15.68 0.69
CA VAL A 88 -25.17 -15.68 -0.10
C VAL A 88 -24.17 -16.80 0.24
N GLY A 89 -24.47 -17.55 1.29
CA GLY A 89 -23.62 -18.68 1.64
C GLY A 89 -23.98 -19.89 0.78
N VAL A 90 -25.05 -19.75 0.00
CA VAL A 90 -25.53 -20.81 -0.91
C VAL A 90 -25.50 -20.27 -2.35
N VAL A 91 -24.55 -20.76 -3.14
CA VAL A 91 -24.42 -20.31 -4.53
C VAL A 91 -25.71 -20.47 -5.34
N GLU A 92 -26.38 -21.59 -5.17
CA GLU A 92 -27.64 -21.85 -5.88
C GLU A 92 -28.63 -20.71 -5.60
N ASP A 93 -28.66 -20.20 -4.36
CA ASP A 93 -29.51 -19.08 -3.98
C ASP A 93 -29.12 -17.82 -4.77
N ILE A 94 -27.81 -17.57 -4.88
CA ILE A 94 -27.31 -16.39 -5.60
C ILE A 94 -27.72 -16.44 -7.08
N VAL A 95 -27.56 -17.62 -7.69
CA VAL A 95 -27.94 -17.83 -9.09
C VAL A 95 -29.42 -17.54 -9.30
N ARG A 96 -30.26 -18.13 -8.44
CA ARG A 96 -31.71 -17.94 -8.50
C ARG A 96 -32.10 -16.47 -8.30
N MET A 97 -31.47 -15.80 -7.34
CA MET A 97 -31.75 -14.40 -7.05
C MET A 97 -31.54 -13.53 -8.28
N PHE A 98 -30.42 -13.72 -8.98
CA PHE A 98 -30.14 -12.93 -10.18
C PHE A 98 -31.12 -13.21 -11.30
N GLU A 99 -31.48 -14.47 -11.48
CA GLU A 99 -32.45 -14.83 -12.51
C GLU A 99 -33.78 -14.16 -12.21
N GLU A 100 -34.18 -14.16 -10.94
CA GLU A 100 -35.41 -13.51 -10.51
C GLU A 100 -35.29 -11.99 -10.70
N ALA A 101 -34.16 -11.44 -10.28
CA ALA A 101 -33.90 -10.02 -10.38
C ALA A 101 -34.10 -9.44 -11.77
N VAL A 102 -33.52 -10.07 -12.79
CA VAL A 102 -33.65 -9.55 -14.16
C VAL A 102 -35.07 -9.60 -14.71
N LYS A 103 -35.89 -10.52 -14.19
CA LYS A 103 -37.28 -10.62 -14.64
C LYS A 103 -38.13 -9.49 -14.04
N ILE A 104 -37.74 -9.02 -12.85
CA ILE A 104 -38.48 -7.97 -12.17
C ILE A 104 -38.45 -6.65 -12.94
N PHE A 105 -37.26 -6.15 -13.26
CA PHE A 105 -37.17 -4.88 -13.96
C PHE A 105 -36.61 -4.99 -15.39
N GLY A 106 -36.30 -6.20 -15.82
CA GLY A 106 -35.80 -6.41 -17.18
C GLY A 106 -34.31 -6.28 -17.45
N LYS A 107 -33.58 -5.69 -16.51
CA LYS A 107 -32.13 -5.50 -16.67
C LYS A 107 -31.51 -5.21 -15.33
N LEU A 108 -30.17 -5.15 -15.31
CA LEU A 108 -29.43 -4.86 -14.10
C LEU A 108 -28.23 -4.00 -14.50
N ASP A 109 -28.13 -2.81 -13.93
CA ASP A 109 -27.05 -1.88 -14.23
C ASP A 109 -25.98 -1.80 -13.13
N ILE A 110 -26.40 -2.00 -11.88
CA ILE A 110 -25.53 -1.86 -10.72
C ILE A 110 -25.76 -2.98 -9.70
N VAL A 111 -24.67 -3.56 -9.19
CA VAL A 111 -24.75 -4.57 -8.16
C VAL A 111 -23.83 -4.16 -7.02
N CYS A 112 -24.41 -4.05 -5.83
CA CYS A 112 -23.69 -3.70 -4.61
C CYS A 112 -23.67 -4.94 -3.72
N SER A 113 -22.49 -5.55 -3.64
CA SER A 113 -22.26 -6.73 -2.80
C SER A 113 -21.96 -6.18 -1.40
N ASN A 114 -22.97 -6.19 -0.54
CA ASN A 114 -22.86 -5.63 0.80
C ASN A 114 -22.99 -6.60 1.98
N SER A 115 -23.75 -7.69 1.82
CA SER A 115 -23.96 -8.66 2.90
C SER A 115 -22.67 -9.07 3.61
N GLY A 116 -22.74 -9.16 4.94
CA GLY A 116 -21.57 -9.55 5.70
C GLY A 116 -21.83 -9.76 7.17
N VAL A 117 -20.90 -10.48 7.82
CA VAL A 117 -20.95 -10.78 9.25
C VAL A 117 -19.58 -10.47 9.85
N VAL A 118 -19.57 -10.17 11.15
CA VAL A 118 -18.34 -9.84 11.84
C VAL A 118 -17.97 -10.97 12.81
N SER A 119 -16.71 -10.98 13.24
CA SER A 119 -16.22 -11.98 14.16
C SER A 119 -14.99 -11.45 14.89
N PHE A 120 -14.84 -11.87 16.15
CA PHE A 120 -13.71 -11.51 17.00
C PHE A 120 -13.24 -12.76 17.73
N GLY A 121 -11.92 -12.85 17.93
CA GLY A 121 -11.35 -13.97 18.64
C GLY A 121 -9.87 -14.07 18.39
N HIS A 122 -9.12 -14.33 19.46
CA HIS A 122 -7.67 -14.53 19.37
C HIS A 122 -7.46 -15.73 18.42
N VAL A 123 -6.48 -15.62 17.53
CA VAL A 123 -6.18 -16.68 16.58
C VAL A 123 -6.16 -18.09 17.22
N LYS A 124 -5.63 -18.18 18.44
CA LYS A 124 -5.55 -19.46 19.15
C LYS A 124 -6.92 -20.12 19.42
N ASP A 125 -7.96 -19.30 19.54
CA ASP A 125 -9.30 -19.80 19.82
C ASP A 125 -10.22 -19.97 18.61
N VAL A 126 -9.72 -19.67 17.41
CA VAL A 126 -10.57 -19.79 16.23
C VAL A 126 -10.80 -21.24 15.81
N THR A 127 -12.07 -21.60 15.63
CA THR A 127 -12.45 -22.93 15.19
C THR A 127 -12.68 -22.93 13.67
N PRO A 128 -12.57 -24.11 13.03
CA PRO A 128 -12.80 -24.21 11.59
C PRO A 128 -14.21 -23.74 11.26
N GLU A 129 -15.15 -24.07 12.13
CA GLU A 129 -16.54 -23.68 11.89
C GLU A 129 -16.75 -22.17 11.86
N GLU A 130 -16.10 -21.45 12.75
CA GLU A 130 -16.22 -20.00 12.79
C GLU A 130 -15.50 -19.39 11.57
N PHE A 131 -14.31 -19.91 11.27
CA PHE A 131 -13.56 -19.43 10.11
C PHE A 131 -14.43 -19.57 8.85
N ASP A 132 -15.00 -20.76 8.66
CA ASP A 132 -15.86 -21.04 7.52
C ASP A 132 -17.11 -20.19 7.47
N ARG A 133 -17.70 -19.96 8.64
CA ARG A 133 -18.92 -19.15 8.73
C ARG A 133 -18.66 -17.76 8.14
N VAL A 134 -17.54 -17.17 8.56
CA VAL A 134 -17.18 -15.82 8.11
C VAL A 134 -16.75 -15.79 6.64
N PHE A 135 -15.83 -16.67 6.25
CA PHE A 135 -15.36 -16.71 4.86
C PHE A 135 -16.44 -17.05 3.83
N THR A 136 -17.37 -17.93 4.22
CA THR A 136 -18.46 -18.34 3.34
C THR A 136 -19.38 -17.19 2.93
N ILE A 137 -19.59 -16.26 3.85
CA ILE A 137 -20.44 -15.10 3.56
C ILE A 137 -19.64 -13.90 3.03
N ASN A 138 -18.60 -13.52 3.77
CA ASN A 138 -17.78 -12.34 3.43
C ASN A 138 -16.88 -12.39 2.19
N THR A 139 -16.38 -13.58 1.88
CA THR A 139 -15.44 -13.74 0.78
C THR A 139 -15.97 -14.58 -0.37
N ARG A 140 -16.33 -15.83 -0.07
CA ARG A 140 -16.90 -16.74 -1.06
C ARG A 140 -18.23 -16.17 -1.55
N GLY A 141 -19.05 -15.69 -0.61
CA GLY A 141 -20.35 -15.13 -0.97
C GLY A 141 -20.24 -13.96 -1.92
N GLN A 142 -19.34 -13.04 -1.61
CA GLN A 142 -19.11 -11.87 -2.47
C GLN A 142 -18.57 -12.31 -3.82
N PHE A 143 -17.73 -13.34 -3.82
CA PHE A 143 -17.15 -13.82 -5.07
C PHE A 143 -18.24 -14.31 -6.03
N PHE A 144 -19.16 -15.11 -5.53
CA PHE A 144 -20.21 -15.63 -6.40
C PHE A 144 -21.30 -14.63 -6.74
N VAL A 145 -21.49 -13.64 -5.87
CA VAL A 145 -22.43 -12.55 -6.18
C VAL A 145 -21.74 -11.80 -7.34
N ALA A 146 -20.41 -11.65 -7.27
CA ALA A 146 -19.67 -10.98 -8.34
C ALA A 146 -19.76 -11.77 -9.67
N ARG A 147 -19.67 -13.10 -9.58
CA ARG A 147 -19.75 -13.96 -10.75
C ARG A 147 -21.10 -13.80 -11.47
N GLU A 148 -22.18 -13.90 -10.71
CA GLU A 148 -23.51 -13.78 -11.28
C GLU A 148 -23.80 -12.36 -11.78
N ALA A 149 -23.22 -11.37 -11.10
CA ALA A 149 -23.39 -9.98 -11.50
C ALA A 149 -22.76 -9.78 -12.89
N TYR A 150 -21.56 -10.33 -13.11
CA TYR A 150 -20.90 -10.21 -14.41
C TYR A 150 -21.77 -10.78 -15.54
N LYS A 151 -22.36 -11.95 -15.30
CA LYS A 151 -23.21 -12.60 -16.30
C LYS A 151 -24.48 -11.80 -16.61
N HIS A 152 -25.07 -11.16 -15.60
CA HIS A 152 -26.31 -10.42 -15.79
C HIS A 152 -26.24 -8.93 -16.02
N LEU A 153 -25.09 -8.32 -15.73
CA LEU A 153 -24.94 -6.87 -15.87
C LEU A 153 -24.94 -6.35 -17.29
N GLU A 154 -25.54 -5.16 -17.46
CA GLU A 154 -25.56 -4.48 -18.77
C GLU A 154 -24.12 -4.09 -19.12
N ILE A 155 -23.84 -3.92 -20.41
CA ILE A 155 -22.51 -3.49 -20.85
C ILE A 155 -22.38 -2.10 -20.26
N GLY A 156 -21.23 -1.81 -19.67
CA GLY A 156 -21.01 -0.51 -19.05
C GLY A 156 -21.55 -0.48 -17.63
N GLY A 157 -21.86 -1.66 -17.09
CA GLY A 157 -22.38 -1.79 -15.73
C GLY A 157 -21.43 -1.49 -14.59
N ARG A 158 -21.90 -1.75 -13.37
CA ARG A 158 -21.13 -1.46 -12.16
C ARG A 158 -21.21 -2.55 -11.09
N LEU A 159 -20.07 -2.87 -10.49
CA LEU A 159 -20.00 -3.85 -9.40
C LEU A 159 -19.20 -3.21 -8.26
N ILE A 160 -19.84 -3.05 -7.10
CA ILE A 160 -19.19 -2.47 -5.93
C ILE A 160 -19.19 -3.49 -4.81
N LEU A 161 -18.01 -3.87 -4.37
CA LEU A 161 -17.84 -4.85 -3.31
C LEU A 161 -17.64 -4.17 -1.97
N MET A 162 -17.95 -4.88 -0.89
CA MET A 162 -17.81 -4.33 0.44
C MET A 162 -16.61 -4.86 1.22
N GLY A 163 -15.64 -3.99 1.40
CA GLY A 163 -14.45 -4.35 2.18
C GLY A 163 -14.62 -3.76 3.57
N SER A 164 -13.51 -3.30 4.15
CA SER A 164 -13.50 -2.70 5.47
C SER A 164 -12.12 -2.13 5.74
N ILE A 165 -12.05 -1.17 6.67
CA ILE A 165 -10.77 -0.58 7.08
C ILE A 165 -9.88 -1.70 7.64
N THR A 166 -10.52 -2.78 8.11
CA THR A 166 -9.81 -3.93 8.69
C THR A 166 -8.93 -4.67 7.67
N GLY A 167 -9.20 -4.50 6.38
CA GLY A 167 -8.37 -5.14 5.37
C GLY A 167 -6.92 -4.68 5.50
N GLN A 168 -6.73 -3.43 5.94
CA GLN A 168 -5.40 -2.84 6.07
C GLN A 168 -5.00 -2.41 7.49
N ALA A 169 -5.95 -2.45 8.45
CA ALA A 169 -5.72 -2.02 9.84
C ALA A 169 -4.57 -2.73 10.52
N LYS A 170 -3.85 -2.00 11.38
CA LYS A 170 -2.69 -2.56 12.05
C LYS A 170 -2.75 -2.70 13.55
N ALA A 171 -3.85 -2.31 14.17
CA ALA A 171 -3.92 -2.38 15.63
C ALA A 171 -5.17 -3.00 16.23
N VAL A 172 -5.98 -3.67 15.43
CA VAL A 172 -7.16 -4.32 16.00
C VAL A 172 -6.80 -5.76 16.39
N PRO A 173 -6.79 -6.05 17.70
CA PRO A 173 -6.46 -7.41 18.16
C PRO A 173 -7.63 -8.38 18.04
N LYS A 174 -7.31 -9.67 17.99
CA LYS A 174 -8.31 -10.74 17.92
C LYS A 174 -9.27 -10.56 16.75
N HIS A 175 -8.72 -10.27 15.57
CA HIS A 175 -9.55 -9.95 14.42
C HIS A 175 -9.06 -10.56 13.10
N ALA A 176 -8.21 -11.56 13.15
CA ALA A 176 -7.61 -12.08 11.90
C ALA A 176 -8.62 -12.63 10.89
N VAL A 177 -9.64 -13.36 11.36
CA VAL A 177 -10.63 -13.97 10.48
C VAL A 177 -11.44 -12.94 9.69
N TYR A 178 -12.10 -12.03 10.38
CA TYR A 178 -12.90 -11.01 9.74
C TYR A 178 -12.05 -10.09 8.86
N SER A 179 -10.91 -9.65 9.40
CA SER A 179 -10.02 -8.77 8.64
C SER A 179 -9.59 -9.47 7.36
N GLY A 180 -9.15 -10.72 7.47
CA GLY A 180 -8.71 -11.48 6.31
C GLY A 180 -9.82 -11.68 5.28
N SER A 181 -11.05 -11.90 5.74
CA SER A 181 -12.17 -12.08 4.81
C SER A 181 -12.42 -10.80 3.99
N LYS A 182 -12.06 -9.66 4.56
CA LYS A 182 -12.24 -8.35 3.92
C LYS A 182 -11.04 -7.94 3.05
N GLY A 183 -9.84 -8.27 3.50
CA GLY A 183 -8.64 -7.96 2.74
C GLY A 183 -8.66 -8.64 1.38
N ALA A 184 -9.20 -9.86 1.36
CA ALA A 184 -9.31 -10.64 0.12
C ALA A 184 -10.14 -9.90 -0.94
N ILE A 185 -11.11 -9.13 -0.49
CA ILE A 185 -11.99 -8.39 -1.39
C ILE A 185 -11.24 -7.33 -2.21
N GLU A 186 -10.22 -6.71 -1.60
CA GLU A 186 -9.40 -5.71 -2.28
C GLU A 186 -8.67 -6.35 -3.47
N THR A 187 -8.13 -7.55 -3.28
CA THR A 187 -7.44 -8.26 -4.36
C THR A 187 -8.48 -8.64 -5.45
N PHE A 188 -9.66 -9.09 -5.00
CA PHE A 188 -10.73 -9.45 -5.92
C PHE A 188 -11.04 -8.27 -6.83
N ALA A 189 -11.09 -7.06 -6.26
CA ALA A 189 -11.41 -5.87 -7.05
C ALA A 189 -10.40 -5.67 -8.17
N ARG A 190 -9.11 -5.73 -7.84
CA ARG A 190 -8.07 -5.57 -8.86
C ARG A 190 -8.17 -6.62 -9.98
N CYS A 191 -8.36 -7.88 -9.60
CA CYS A 191 -8.42 -8.98 -10.58
C CYS A 191 -9.71 -9.06 -11.38
N MET A 192 -10.83 -8.77 -10.72
CA MET A 192 -12.13 -8.79 -11.39
C MET A 192 -12.28 -7.60 -12.33
N ALA A 193 -11.64 -6.48 -11.99
CA ALA A 193 -11.68 -5.29 -12.85
C ALA A 193 -11.12 -5.64 -14.24
N ILE A 194 -10.14 -6.55 -14.26
CA ILE A 194 -9.54 -6.97 -15.54
C ILE A 194 -10.54 -7.78 -16.35
N ASP A 195 -11.02 -8.89 -15.77
CA ASP A 195 -11.97 -9.80 -16.43
C ASP A 195 -13.28 -9.12 -16.85
N MET A 196 -13.92 -8.43 -15.92
CA MET A 196 -15.20 -7.79 -16.18
C MET A 196 -15.16 -6.60 -17.14
N ALA A 197 -13.97 -6.09 -17.41
CA ALA A 197 -13.80 -5.00 -18.34
C ALA A 197 -14.20 -5.41 -19.78
N ASP A 198 -14.28 -6.73 -20.02
CA ASP A 198 -14.68 -7.19 -21.36
C ASP A 198 -16.16 -6.90 -21.66
N LYS A 199 -16.89 -6.45 -20.63
CA LYS A 199 -18.29 -6.04 -20.76
C LYS A 199 -18.37 -4.59 -20.30
N LYS A 200 -17.21 -3.92 -20.23
CA LYS A 200 -17.09 -2.52 -19.81
C LYS A 200 -17.66 -2.25 -18.42
N ILE A 201 -17.55 -3.25 -17.54
CA ILE A 201 -18.01 -3.14 -16.17
C ILE A 201 -16.85 -2.68 -15.28
N THR A 202 -17.09 -1.71 -14.40
CA THR A 202 -16.06 -1.28 -13.47
C THR A 202 -16.28 -2.08 -12.17
N VAL A 203 -15.19 -2.43 -11.51
CA VAL A 203 -15.25 -3.19 -10.26
C VAL A 203 -14.40 -2.47 -9.22
N ASN A 204 -15.03 -2.06 -8.12
CA ASN A 204 -14.34 -1.37 -7.02
C ASN A 204 -14.80 -1.88 -5.66
N VAL A 205 -14.01 -1.61 -4.63
CA VAL A 205 -14.35 -1.99 -3.27
C VAL A 205 -14.36 -0.75 -2.37
N VAL A 206 -15.43 -0.61 -1.58
CA VAL A 206 -15.53 0.48 -0.63
C VAL A 206 -15.06 -0.11 0.71
N ALA A 207 -14.26 0.65 1.43
CA ALA A 207 -13.72 0.19 2.70
C ALA A 207 -14.11 1.16 3.80
N PRO A 208 -15.27 0.93 4.44
CA PRO A 208 -15.69 1.84 5.50
C PRO A 208 -14.93 1.69 6.82
N GLY A 209 -14.94 2.76 7.61
CA GLY A 209 -14.40 2.72 8.95
C GLY A 209 -15.65 2.35 9.75
N GLY A 210 -15.64 2.51 11.07
CA GLY A 210 -16.82 2.19 11.86
C GLY A 210 -18.01 3.03 11.43
N ILE A 211 -19.16 2.38 11.24
CA ILE A 211 -20.40 3.04 10.81
C ILE A 211 -21.53 2.59 11.75
N LYS A 212 -22.33 3.55 12.25
CA LYS A 212 -23.43 3.23 13.16
C LYS A 212 -24.54 2.37 12.56
N THR A 213 -24.52 1.09 12.89
CA THR A 213 -25.50 0.09 12.43
C THR A 213 -25.62 -0.95 13.55
N ASP A 214 -26.39 -2.01 13.30
CA ASP A 214 -26.57 -3.10 14.27
C ASP A 214 -25.24 -3.79 14.54
N MET A 215 -24.41 -3.90 13.49
CA MET A 215 -23.09 -4.52 13.64
C MET A 215 -22.22 -3.70 14.58
N TYR A 216 -22.19 -2.38 14.36
CA TYR A 216 -21.42 -1.45 15.19
C TYR A 216 -21.87 -1.59 16.66
N HIS A 217 -23.18 -1.61 16.87
CA HIS A 217 -23.70 -1.77 18.22
C HIS A 217 -23.24 -3.01 18.89
N ALA A 218 -23.23 -4.09 18.12
CA ALA A 218 -22.82 -5.37 18.66
C ALA A 218 -21.34 -5.49 18.99
N VAL A 219 -20.47 -4.89 18.18
CA VAL A 219 -19.03 -5.09 18.42
C VAL A 219 -18.09 -3.89 18.53
N CYS A 220 -18.61 -2.67 18.49
CA CYS A 220 -17.74 -1.50 18.56
C CYS A 220 -16.76 -1.52 19.72
N ARG A 221 -17.22 -1.97 20.89
CA ARG A 221 -16.37 -2.03 22.08
C ARG A 221 -15.15 -2.94 21.90
N GLU A 222 -15.26 -3.93 21.02
CA GLU A 222 -14.17 -4.87 20.76
C GLU A 222 -12.97 -4.19 20.10
N TYR A 223 -13.21 -3.03 19.50
CA TYR A 223 -12.18 -2.24 18.82
C TYR A 223 -11.57 -1.22 19.79
N ILE A 224 -12.09 -1.18 21.01
CA ILE A 224 -11.65 -0.19 22.02
C ILE A 224 -10.98 -0.84 23.22
N PRO A 225 -9.69 -0.56 23.42
CA PRO A 225 -9.00 -1.15 24.57
C PRO A 225 -9.78 -0.78 25.86
N ASN A 226 -10.16 -1.80 26.63
CA ASN A 226 -10.89 -1.60 27.89
C ASN A 226 -12.22 -0.90 27.69
N GLY A 227 -12.89 -1.15 26.56
CA GLY A 227 -14.14 -0.50 26.28
C GLY A 227 -15.39 -1.28 26.63
N GLU A 228 -15.21 -2.46 27.23
CA GLU A 228 -16.33 -3.33 27.61
C GLU A 228 -17.44 -2.68 28.44
N ASN A 229 -17.08 -1.77 29.34
CA ASN A 229 -18.06 -1.09 30.19
C ASN A 229 -18.51 0.30 29.77
N LEU A 230 -18.04 0.76 28.61
CA LEU A 230 -18.44 2.07 28.11
C LEU A 230 -19.92 2.10 27.76
N SER A 231 -20.58 3.21 28.04
CA SER A 231 -22.00 3.38 27.72
C SER A 231 -22.07 3.62 26.21
N ASN A 232 -23.26 3.54 25.64
CA ASN A 232 -23.41 3.76 24.21
C ASN A 232 -22.95 5.17 23.84
N GLU A 233 -23.12 6.10 24.77
CA GLU A 233 -22.75 7.49 24.56
C GLU A 233 -21.22 7.65 24.56
N GLU A 234 -20.58 6.97 25.48
CA GLU A 234 -19.12 7.00 25.57
C GLU A 234 -18.50 6.33 24.36
N VAL A 235 -19.18 5.29 23.85
CA VAL A 235 -18.70 4.57 22.68
C VAL A 235 -18.67 5.50 21.45
N ASP A 236 -19.75 6.24 21.23
CA ASP A 236 -19.82 7.17 20.10
C ASP A 236 -18.79 8.30 20.25
N GLU A 237 -18.62 8.78 21.48
CA GLU A 237 -17.66 9.85 21.74
C GLU A 237 -16.25 9.37 21.40
N TYR A 238 -15.96 8.12 21.77
CA TYR A 238 -14.66 7.51 21.50
C TYR A 238 -14.46 7.33 19.98
N ALA A 239 -15.47 6.78 19.29
CA ALA A 239 -15.40 6.59 17.84
C ALA A 239 -15.19 7.94 17.13
N ALA A 240 -15.91 8.97 17.58
CA ALA A 240 -15.82 10.31 17.00
C ALA A 240 -14.44 10.96 17.13
N VAL A 241 -13.87 10.91 18.33
CA VAL A 241 -12.59 11.52 18.62
C VAL A 241 -11.37 10.69 18.22
N GLN A 242 -11.41 9.41 18.51
CA GLN A 242 -10.29 8.53 18.21
C GLN A 242 -10.13 8.16 16.75
N TRP A 243 -11.25 7.94 16.06
CA TRP A 243 -11.18 7.50 14.67
C TRP A 243 -11.38 8.54 13.57
N SER A 244 -11.53 9.81 13.94
CA SER A 244 -11.67 10.83 12.91
C SER A 244 -11.29 12.23 13.34
N PRO A 245 -10.38 12.88 12.58
CA PRO A 245 -9.94 14.25 12.88
C PRO A 245 -11.15 15.19 12.73
N LEU A 246 -12.19 14.71 12.03
CA LEU A 246 -13.43 15.46 11.79
C LEU A 246 -14.37 15.41 12.99
N ARG A 247 -13.99 14.58 13.96
CA ARG A 247 -14.70 14.44 15.22
C ARG A 247 -16.19 14.12 15.18
N ARG A 248 -16.54 13.07 14.44
CA ARG A 248 -17.92 12.59 14.37
C ARG A 248 -17.90 11.11 14.02
N VAL A 249 -19.04 10.46 14.21
CA VAL A 249 -19.16 9.04 13.92
C VAL A 249 -19.60 8.82 12.46
N GLY A 250 -19.11 7.75 11.85
CA GLY A 250 -19.47 7.41 10.48
C GLY A 250 -20.92 6.92 10.44
N LEU A 251 -21.64 7.30 9.40
CA LEU A 251 -23.05 6.93 9.24
C LEU A 251 -23.28 6.20 7.91
N PRO A 252 -24.34 5.38 7.84
CA PRO A 252 -24.61 4.65 6.59
C PRO A 252 -24.66 5.54 5.34
N ILE A 253 -25.21 6.75 5.45
CA ILE A 253 -25.29 7.67 4.33
C ILE A 253 -23.89 8.04 3.80
N ASP A 254 -22.89 8.07 4.68
CA ASP A 254 -21.52 8.40 4.29
C ASP A 254 -21.01 7.40 3.25
N ILE A 255 -21.43 6.14 3.41
CA ILE A 255 -21.04 5.08 2.48
C ILE A 255 -21.91 5.08 1.23
N ALA A 256 -23.22 5.21 1.45
CA ALA A 256 -24.19 5.24 0.33
C ALA A 256 -23.83 6.29 -0.74
N ARG A 257 -23.42 7.48 -0.29
CA ARG A 257 -23.04 8.56 -1.20
C ARG A 257 -21.88 8.18 -2.13
N VAL A 258 -20.88 7.50 -1.58
CA VAL A 258 -19.73 7.09 -2.37
C VAL A 258 -20.13 5.98 -3.35
N VAL A 259 -20.98 5.07 -2.89
CA VAL A 259 -21.47 3.99 -3.74
C VAL A 259 -22.20 4.59 -4.95
N CYS A 260 -23.03 5.61 -4.73
CA CYS A 260 -23.73 6.28 -5.83
C CYS A 260 -22.76 6.96 -6.81
N PHE A 261 -21.68 7.54 -6.29
CA PHE A 261 -20.69 8.17 -7.16
C PHE A 261 -20.09 7.08 -8.07
N LEU A 262 -19.65 5.99 -7.45
CA LEU A 262 -19.03 4.87 -8.18
C LEU A 262 -19.98 4.29 -9.21
N ALA A 263 -21.25 4.18 -8.83
CA ALA A 263 -22.27 3.64 -9.70
C ALA A 263 -22.63 4.54 -10.89
N SER A 264 -22.30 5.82 -10.79
CA SER A 264 -22.60 6.79 -11.83
C SER A 264 -21.52 6.87 -12.92
N ASN A 265 -21.79 7.69 -13.93
CA ASN A 265 -20.85 7.90 -15.01
C ASN A 265 -19.60 8.60 -14.47
N ASP A 266 -19.73 9.31 -13.34
CA ASP A 266 -18.59 9.98 -12.71
C ASP A 266 -17.50 8.99 -12.27
N GLY A 267 -17.88 7.74 -12.01
CA GLY A 267 -16.90 6.75 -11.62
C GLY A 267 -16.38 5.91 -12.78
N GLY A 268 -16.65 6.35 -14.02
CA GLY A 268 -16.26 5.61 -15.21
C GLY A 268 -14.79 5.24 -15.35
N TRP A 269 -13.89 6.12 -14.91
CA TRP A 269 -12.46 5.82 -15.03
C TRP A 269 -11.85 5.26 -13.71
N VAL A 270 -12.73 5.00 -12.75
CA VAL A 270 -12.34 4.43 -11.47
C VAL A 270 -12.69 2.94 -11.50
N THR A 271 -11.67 2.10 -11.62
CA THR A 271 -11.88 0.65 -11.61
C THR A 271 -10.66 -0.04 -11.03
N GLY A 272 -10.91 -1.16 -10.36
CA GLY A 272 -9.85 -1.93 -9.71
C GLY A 272 -9.31 -1.22 -8.49
N LYS A 273 -10.10 -0.32 -7.90
CA LYS A 273 -9.68 0.48 -6.74
C LYS A 273 -10.36 0.20 -5.39
N VAL A 274 -9.66 0.57 -4.32
CA VAL A 274 -10.16 0.45 -2.95
C VAL A 274 -10.38 1.89 -2.51
N ILE A 275 -11.61 2.24 -2.15
CA ILE A 275 -11.94 3.60 -1.73
C ILE A 275 -12.23 3.58 -0.22
N GLY A 276 -11.31 4.16 0.56
CA GLY A 276 -11.48 4.22 2.00
C GLY A 276 -12.46 5.31 2.42
N ILE A 277 -13.46 4.95 3.22
CA ILE A 277 -14.47 5.91 3.65
C ILE A 277 -14.58 5.76 5.17
N ASP A 278 -13.65 6.42 5.86
CA ASP A 278 -13.56 6.30 7.31
C ASP A 278 -13.31 7.61 8.06
N GLY A 279 -13.52 8.74 7.39
CA GLY A 279 -13.30 10.03 8.04
C GLY A 279 -11.85 10.30 8.42
N GLY A 280 -10.93 9.59 7.78
CA GLY A 280 -9.51 9.74 8.03
C GLY A 280 -9.00 8.94 9.22
N ALA A 281 -9.67 7.83 9.53
CA ALA A 281 -9.31 6.97 10.67
C ALA A 281 -7.95 6.27 10.55
N CYS A 282 -7.39 5.97 11.72
CA CYS A 282 -6.13 5.23 11.80
C CYS A 282 -6.44 4.08 12.74
N MET A 283 -6.52 2.86 12.20
CA MET A 283 -6.83 1.68 13.01
C MET A 283 -5.87 0.49 12.77
N LYS B 12 -26.33 13.65 19.15
CA LYS B 12 -25.75 14.58 18.18
C LYS B 12 -25.00 13.90 17.06
N TYR B 13 -24.52 12.68 17.34
CA TYR B 13 -23.78 11.90 16.38
C TYR B 13 -24.68 11.19 15.38
N ASP B 14 -25.99 11.34 15.55
CA ASP B 14 -26.93 10.72 14.62
C ASP B 14 -27.42 11.69 13.55
N ALA B 15 -26.99 12.95 13.64
CA ALA B 15 -27.38 13.95 12.66
C ALA B 15 -26.80 13.65 11.28
N ILE B 16 -27.65 13.77 10.26
CA ILE B 16 -27.27 13.53 8.88
C ILE B 16 -26.53 14.75 8.33
N PRO B 17 -25.26 14.56 7.90
CA PRO B 17 -24.48 15.66 7.35
C PRO B 17 -24.94 15.98 5.92
N GLY B 18 -25.57 17.14 5.73
CA GLY B 18 -26.00 17.51 4.40
C GLY B 18 -27.30 16.86 3.96
N PRO B 19 -27.75 17.17 2.74
CA PRO B 19 -28.99 16.62 2.20
C PRO B 19 -28.97 15.18 1.70
N LEU B 20 -30.09 14.49 1.91
CA LEU B 20 -30.25 13.14 1.40
C LEU B 20 -30.62 13.34 -0.07
N GLY B 21 -30.33 12.35 -0.88
CA GLY B 21 -30.65 12.45 -2.29
C GLY B 21 -29.58 13.12 -3.14
N PRO B 22 -29.85 13.24 -4.45
CA PRO B 22 -28.98 13.83 -5.46
C PRO B 22 -28.41 15.22 -5.17
N GLN B 23 -29.09 15.98 -4.29
CA GLN B 23 -28.62 17.33 -3.95
C GLN B 23 -27.25 17.30 -3.29
N SER B 24 -26.90 16.14 -2.73
CA SER B 24 -25.62 15.98 -2.07
C SER B 24 -24.45 16.08 -3.08
N ALA B 25 -24.73 15.90 -4.37
CA ALA B 25 -23.70 16.00 -5.41
C ALA B 25 -23.61 17.41 -6.01
N SER B 26 -24.52 18.30 -5.60
CA SER B 26 -24.55 19.65 -6.15
C SER B 26 -23.42 20.58 -5.72
N LEU B 27 -22.93 21.37 -6.67
CA LEU B 27 -21.87 22.34 -6.37
C LEU B 27 -22.40 23.77 -6.62
N GLU B 28 -23.71 23.88 -6.75
CA GLU B 28 -24.36 25.16 -7.00
C GLU B 28 -24.04 26.16 -5.92
N GLY B 29 -23.61 27.35 -6.32
CA GLY B 29 -23.29 28.39 -5.36
C GLY B 29 -21.90 28.31 -4.72
N LYS B 30 -21.12 27.30 -5.09
CA LYS B 30 -19.79 27.16 -4.53
C LYS B 30 -18.79 27.99 -5.33
N VAL B 31 -17.65 28.29 -4.71
CA VAL B 31 -16.58 29.03 -5.37
C VAL B 31 -15.34 28.14 -5.34
N ALA B 32 -14.77 27.89 -6.51
CA ALA B 32 -13.58 27.03 -6.61
C ALA B 32 -12.39 27.75 -7.21
N LEU B 33 -11.19 27.34 -6.81
CA LEU B 33 -9.94 27.88 -7.34
C LEU B 33 -9.18 26.66 -7.89
N VAL B 34 -8.71 26.76 -9.12
CA VAL B 34 -7.96 25.66 -9.75
C VAL B 34 -6.62 26.23 -10.25
N THR B 35 -5.51 25.63 -9.82
CA THR B 35 -4.21 26.11 -10.29
C THR B 35 -3.89 25.43 -11.64
N GLY B 36 -3.33 26.20 -12.58
CA GLY B 36 -2.99 25.67 -13.89
C GLY B 36 -4.24 25.28 -14.68
N ALA B 37 -5.25 26.13 -14.59
CA ALA B 37 -6.54 25.91 -15.25
C ALA B 37 -6.67 26.46 -16.68
N GLY B 38 -5.57 26.95 -17.25
CA GLY B 38 -5.61 27.48 -18.61
C GLY B 38 -5.64 26.40 -19.67
N ARG B 39 -5.19 25.20 -19.29
CA ARG B 39 -5.15 24.07 -20.21
C ARG B 39 -5.07 22.72 -19.50
N GLY B 40 -5.14 21.66 -20.30
CA GLY B 40 -5.06 20.30 -19.80
C GLY B 40 -6.09 19.88 -18.77
N ILE B 41 -5.65 19.09 -17.79
CA ILE B 41 -6.56 18.60 -16.74
C ILE B 41 -7.17 19.75 -15.93
N GLY B 42 -6.37 20.75 -15.57
CA GLY B 42 -6.85 21.90 -14.82
C GLY B 42 -7.96 22.63 -15.53
N ARG B 43 -7.83 22.78 -16.85
CA ARG B 43 -8.87 23.44 -17.66
C ARG B 43 -10.19 22.69 -17.58
N GLU B 44 -10.16 21.37 -17.72
CA GLU B 44 -11.39 20.59 -17.67
C GLU B 44 -12.02 20.60 -16.29
N MET B 45 -11.17 20.66 -15.25
CA MET B 45 -11.66 20.72 -13.88
C MET B 45 -12.47 22.01 -13.74
N ALA B 46 -11.89 23.12 -14.20
CA ALA B 46 -12.54 24.44 -14.16
C ALA B 46 -13.86 24.44 -14.92
N MET B 47 -13.84 23.87 -16.12
CA MET B 47 -15.03 23.79 -16.97
C MET B 47 -16.15 23.00 -16.32
N GLU B 48 -15.82 21.80 -15.84
CA GLU B 48 -16.78 20.91 -15.20
C GLU B 48 -17.32 21.47 -13.88
N LEU B 49 -16.43 22.05 -13.06
CA LEU B 49 -16.86 22.69 -11.81
C LEU B 49 -17.86 23.81 -12.16
N GLY B 50 -17.56 24.57 -13.22
CA GLY B 50 -18.45 25.63 -13.68
C GLY B 50 -19.79 25.06 -14.12
N ARG B 51 -19.76 23.97 -14.90
CA ARG B 51 -20.98 23.33 -15.36
C ARG B 51 -21.88 22.88 -14.21
N ARG B 52 -21.25 22.49 -13.10
CA ARG B 52 -21.96 22.05 -11.91
C ARG B 52 -22.35 23.19 -10.97
N GLY B 53 -22.16 24.43 -11.41
CA GLY B 53 -22.58 25.56 -10.59
C GLY B 53 -21.58 26.41 -9.85
N CYS B 54 -20.30 26.09 -9.95
CA CYS B 54 -19.27 26.86 -9.26
C CYS B 54 -18.85 28.11 -10.00
N LYS B 55 -18.46 29.14 -9.25
CA LYS B 55 -17.86 30.33 -9.85
C LYS B 55 -16.41 29.88 -9.75
N VAL B 56 -15.60 30.10 -10.78
CA VAL B 56 -14.23 29.59 -10.75
C VAL B 56 -13.09 30.59 -10.94
N ILE B 57 -12.07 30.47 -10.10
CA ILE B 57 -10.86 31.29 -10.21
C ILE B 57 -9.92 30.42 -11.04
N VAL B 58 -9.61 30.91 -12.25
CA VAL B 58 -8.76 30.21 -13.21
C VAL B 58 -7.33 30.71 -13.08
N ASN B 59 -6.49 29.94 -12.41
CA ASN B 59 -5.10 30.33 -12.26
C ASN B 59 -4.28 29.85 -13.46
N TYR B 60 -3.22 30.60 -13.74
CA TYR B 60 -2.30 30.27 -14.81
C TYR B 60 -0.95 30.93 -14.47
N ALA B 61 0.10 30.46 -15.12
CA ALA B 61 1.43 31.03 -14.92
C ALA B 61 1.93 31.68 -16.23
N ASN B 62 1.64 31.05 -17.36
CA ASN B 62 2.10 31.54 -18.67
C ASN B 62 1.02 31.61 -19.75
N SER B 63 0.07 30.66 -19.70
CA SER B 63 -0.98 30.59 -20.71
C SER B 63 -2.12 31.60 -20.58
N THR B 64 -1.77 32.87 -20.74
CA THR B 64 -2.72 33.98 -20.59
C THR B 64 -3.95 33.90 -21.48
N GLU B 65 -3.74 33.76 -22.79
CA GLU B 65 -4.84 33.70 -23.74
C GLU B 65 -5.74 32.49 -23.48
N SER B 66 -5.13 31.33 -23.19
CA SER B 66 -5.89 30.12 -22.90
C SER B 66 -6.73 30.29 -21.64
N ALA B 67 -6.14 30.93 -20.62
CA ALA B 67 -6.83 31.16 -19.36
C ALA B 67 -8.03 32.08 -19.60
N GLU B 68 -7.82 33.10 -20.42
CA GLU B 68 -8.90 34.01 -20.76
C GLU B 68 -10.02 33.29 -21.52
N GLU B 69 -9.65 32.32 -22.36
CA GLU B 69 -10.66 31.55 -23.11
C GLU B 69 -11.50 30.68 -22.16
N VAL B 70 -10.84 30.07 -21.17
CA VAL B 70 -11.54 29.23 -20.19
C VAL B 70 -12.57 30.08 -19.42
N VAL B 71 -12.15 31.24 -18.90
CA VAL B 71 -13.04 32.16 -18.18
C VAL B 71 -14.27 32.51 -19.03
N ALA B 72 -14.04 32.86 -20.29
CA ALA B 72 -15.13 33.19 -21.20
C ALA B 72 -16.09 32.00 -21.43
N ALA B 73 -15.52 30.80 -21.58
CA ALA B 73 -16.32 29.59 -21.79
C ALA B 73 -17.17 29.28 -20.58
N ILE B 74 -16.62 29.50 -19.39
CA ILE B 74 -17.33 29.21 -18.14
C ILE B 74 -18.52 30.17 -18.02
N LYS B 75 -18.27 31.43 -18.33
CA LYS B 75 -19.33 32.44 -18.28
C LYS B 75 -20.39 32.09 -19.32
N LYS B 76 -19.93 31.66 -20.50
CA LYS B 76 -20.85 31.29 -21.56
C LYS B 76 -21.74 30.14 -21.09
N ASN B 77 -21.18 29.19 -20.34
CA ASN B 77 -21.93 28.05 -19.83
C ASN B 77 -22.89 28.40 -18.70
N GLY B 78 -22.81 29.63 -18.21
CA GLY B 78 -23.73 30.02 -17.16
C GLY B 78 -23.19 30.34 -15.78
N SER B 79 -21.87 30.29 -15.60
CA SER B 79 -21.27 30.60 -14.30
C SER B 79 -20.25 31.70 -14.43
N ASP B 80 -19.92 32.35 -13.33
CA ASP B 80 -18.95 33.42 -13.35
C ASP B 80 -17.54 32.84 -13.14
N ALA B 81 -16.54 33.54 -13.66
CA ALA B 81 -15.15 33.10 -13.54
C ALA B 81 -14.22 34.31 -13.70
N ALA B 82 -12.98 34.16 -13.25
CA ALA B 82 -11.99 35.21 -13.38
C ALA B 82 -10.64 34.52 -13.36
N CYS B 83 -9.68 35.03 -14.12
CA CYS B 83 -8.35 34.41 -14.13
C CYS B 83 -7.37 35.23 -13.29
N VAL B 84 -6.45 34.52 -12.63
CA VAL B 84 -5.47 35.16 -11.77
C VAL B 84 -4.10 34.53 -12.00
N LYS B 85 -3.13 35.37 -12.35
CA LYS B 85 -1.80 34.86 -12.59
C LYS B 85 -1.06 34.59 -11.29
N ALA B 86 -0.30 33.49 -11.26
CA ALA B 86 0.51 33.12 -10.11
C ALA B 86 1.38 31.92 -10.43
N ASN B 87 2.68 32.09 -10.21
CA ASN B 87 3.66 31.02 -10.42
C ASN B 87 3.77 30.36 -9.05
N VAL B 88 3.36 29.09 -8.96
CA VAL B 88 3.40 28.35 -7.68
C VAL B 88 4.82 28.10 -7.14
N GLY B 89 5.81 28.44 -7.94
CA GLY B 89 7.19 28.29 -7.49
C GLY B 89 7.58 29.49 -6.63
N VAL B 90 6.72 30.51 -6.57
CA VAL B 90 6.96 31.73 -5.79
C VAL B 90 5.84 31.87 -4.75
N VAL B 91 6.17 31.58 -3.49
CA VAL B 91 5.14 31.62 -2.43
C VAL B 91 4.37 32.94 -2.33
N GLU B 92 5.06 34.04 -2.57
CA GLU B 92 4.46 35.37 -2.51
C GLU B 92 3.35 35.46 -3.56
N ASP B 93 3.54 34.79 -4.70
CA ASP B 93 2.55 34.76 -5.78
C ASP B 93 1.31 34.00 -5.33
N ILE B 94 1.54 32.89 -4.61
CA ILE B 94 0.44 32.07 -4.10
C ILE B 94 -0.39 32.86 -3.06
N VAL B 95 0.31 33.54 -2.16
CA VAL B 95 -0.35 34.35 -1.14
C VAL B 95 -1.20 35.43 -1.82
N ARG B 96 -0.61 36.15 -2.79
CA ARG B 96 -1.33 37.20 -3.53
C ARG B 96 -2.56 36.66 -4.25
N MET B 97 -2.40 35.53 -4.94
CA MET B 97 -3.51 34.91 -5.66
C MET B 97 -4.72 34.61 -4.77
N PHE B 98 -4.47 34.05 -3.58
CA PHE B 98 -5.58 33.74 -2.69
C PHE B 98 -6.27 34.98 -2.16
N GLU B 99 -5.51 36.03 -1.90
CA GLU B 99 -6.09 37.27 -1.42
C GLU B 99 -6.96 37.88 -2.53
N GLU B 100 -6.50 37.81 -3.77
CA GLU B 100 -7.24 38.34 -4.91
C GLU B 100 -8.52 37.54 -5.13
N ALA B 101 -8.41 36.21 -4.99
CA ALA B 101 -9.53 35.28 -5.17
C ALA B 101 -10.71 35.60 -4.27
N VAL B 102 -10.44 35.77 -2.97
CA VAL B 102 -11.50 36.07 -2.04
C VAL B 102 -12.09 37.48 -2.27
N LYS B 103 -11.31 38.37 -2.87
CA LYS B 103 -11.84 39.70 -3.17
C LYS B 103 -12.78 39.60 -4.37
N ILE B 104 -12.46 38.74 -5.33
CA ILE B 104 -13.29 38.59 -6.51
C ILE B 104 -14.62 37.94 -6.20
N PHE B 105 -14.61 36.82 -5.49
CA PHE B 105 -15.84 36.11 -5.20
C PHE B 105 -16.33 36.09 -3.75
N GLY B 106 -15.60 36.76 -2.86
CA GLY B 106 -16.01 36.84 -1.47
C GLY B 106 -15.76 35.66 -0.53
N LYS B 107 -15.54 34.48 -1.09
CA LYS B 107 -15.29 33.28 -0.32
C LYS B 107 -14.64 32.23 -1.21
N LEU B 108 -14.22 31.13 -0.60
CA LEU B 108 -13.60 30.02 -1.30
C LEU B 108 -14.06 28.73 -0.62
N ASP B 109 -14.64 27.84 -1.42
CA ASP B 109 -15.16 26.57 -0.94
C ASP B 109 -14.31 25.38 -1.36
N ILE B 110 -13.73 25.47 -2.56
CA ILE B 110 -12.96 24.38 -3.16
C ILE B 110 -11.66 24.86 -3.77
N VAL B 111 -10.58 24.13 -3.49
CA VAL B 111 -9.29 24.45 -4.06
C VAL B 111 -8.74 23.17 -4.67
N CYS B 112 -8.41 23.26 -5.96
CA CYS B 112 -7.84 22.13 -6.69
C CYS B 112 -6.40 22.49 -7.06
N SER B 113 -5.46 21.86 -6.36
CA SER B 113 -4.03 22.05 -6.62
C SER B 113 -3.71 21.11 -7.81
N ASN B 114 -3.65 21.70 -8.99
CA ASN B 114 -3.40 20.94 -10.22
C ASN B 114 -2.08 21.19 -10.95
N SER B 115 -1.58 22.43 -10.92
CA SER B 115 -0.33 22.77 -11.60
C SER B 115 0.80 21.75 -11.43
N GLY B 116 1.49 21.45 -12.53
CA GLY B 116 2.59 20.53 -12.47
C GLY B 116 3.40 20.44 -13.73
N VAL B 117 4.61 19.90 -13.62
CA VAL B 117 5.51 19.70 -14.75
C VAL B 117 6.06 18.27 -14.71
N VAL B 118 6.42 17.74 -15.89
CA VAL B 118 6.96 16.39 -15.97
C VAL B 118 8.46 16.42 -16.27
N SER B 119 9.14 15.31 -15.99
CA SER B 119 10.57 15.20 -16.20
C SER B 119 10.98 13.74 -16.37
N PHE B 120 11.94 13.50 -17.25
CA PHE B 120 12.49 12.16 -17.48
C PHE B 120 14.01 12.26 -17.53
N GLY B 121 14.67 11.26 -16.94
CA GLY B 121 16.12 11.21 -16.93
C GLY B 121 16.61 10.12 -15.99
N HIS B 122 17.60 9.35 -16.42
CA HIS B 122 18.19 8.30 -15.59
C HIS B 122 18.74 9.03 -14.36
N VAL B 123 18.64 8.40 -13.19
CA VAL B 123 19.12 8.97 -11.94
C VAL B 123 20.55 9.57 -12.04
N LYS B 124 21.43 8.88 -12.77
CA LYS B 124 22.83 9.31 -12.94
C LYS B 124 22.99 10.66 -13.63
N ASP B 125 22.00 11.06 -14.41
CA ASP B 125 22.03 12.30 -15.18
C ASP B 125 21.26 13.46 -14.59
N VAL B 126 20.51 13.23 -13.52
CA VAL B 126 19.73 14.31 -12.92
C VAL B 126 20.60 15.39 -12.25
N THR B 127 20.36 16.64 -12.63
CA THR B 127 21.09 17.78 -12.08
C THR B 127 20.31 18.40 -10.93
N PRO B 128 20.99 19.15 -10.05
CA PRO B 128 20.28 19.79 -8.95
C PRO B 128 19.23 20.78 -9.49
N GLU B 129 19.55 21.43 -10.61
CA GLU B 129 18.62 22.38 -11.18
C GLU B 129 17.32 21.72 -11.64
N GLU B 130 17.44 20.57 -12.31
CA GLU B 130 16.25 19.87 -12.77
C GLU B 130 15.43 19.30 -11.60
N PHE B 131 16.12 18.74 -10.60
CA PHE B 131 15.45 18.21 -9.42
C PHE B 131 14.64 19.33 -8.75
N ASP B 132 15.30 20.46 -8.52
CA ASP B 132 14.69 21.64 -7.90
C ASP B 132 13.55 22.22 -8.72
N ARG B 133 13.71 22.22 -10.05
CA ARG B 133 12.67 22.76 -10.94
C ARG B 133 11.40 21.97 -10.74
N VAL B 134 11.54 20.64 -10.70
CA VAL B 134 10.39 19.75 -10.56
C VAL B 134 9.78 19.80 -9.16
N PHE B 135 10.60 19.66 -8.12
CA PHE B 135 10.09 19.70 -6.74
C PHE B 135 9.49 21.03 -6.32
N THR B 136 10.08 22.13 -6.78
CA THR B 136 9.56 23.46 -6.44
C THR B 136 8.13 23.68 -6.93
N ILE B 137 7.79 23.11 -8.08
CA ILE B 137 6.45 23.24 -8.64
C ILE B 137 5.50 22.16 -8.16
N ASN B 138 5.89 20.91 -8.35
CA ASN B 138 5.07 19.75 -7.99
C ASN B 138 4.84 19.42 -6.53
N THR B 139 5.82 19.69 -5.69
CA THR B 139 5.75 19.34 -4.27
C THR B 139 5.64 20.56 -3.37
N ARG B 140 6.64 21.44 -3.44
CA ARG B 140 6.66 22.66 -2.65
C ARG B 140 5.48 23.55 -3.04
N GLY B 141 5.27 23.70 -4.35
CA GLY B 141 4.20 24.52 -4.87
C GLY B 141 2.86 24.07 -4.35
N GLN B 142 2.61 22.77 -4.42
CA GLN B 142 1.35 22.21 -3.93
C GLN B 142 1.23 22.40 -2.42
N PHE B 143 2.35 22.29 -1.71
CA PHE B 143 2.34 22.45 -0.27
C PHE B 143 1.87 23.84 0.12
N PHE B 144 2.41 24.86 -0.53
CA PHE B 144 2.03 26.23 -0.19
C PHE B 144 0.67 26.69 -0.74
N VAL B 145 0.22 26.03 -1.81
CA VAL B 145 -1.11 26.29 -2.34
C VAL B 145 -2.05 25.72 -1.24
N ALA B 146 -1.68 24.55 -0.68
CA ALA B 146 -2.47 23.91 0.40
C ALA B 146 -2.53 24.78 1.68
N ARG B 147 -1.39 25.36 2.04
CA ARG B 147 -1.32 26.20 3.23
C ARG B 147 -2.27 27.39 3.10
N GLU B 148 -2.19 28.09 1.97
CA GLU B 148 -3.05 29.25 1.74
C GLU B 148 -4.52 28.86 1.61
N ALA B 149 -4.75 27.67 1.06
CA ALA B 149 -6.12 27.16 0.92
C ALA B 149 -6.71 27.00 2.31
N TYR B 150 -5.97 26.39 3.22
CA TYR B 150 -6.45 26.18 4.58
C TYR B 150 -6.86 27.51 5.23
N LYS B 151 -6.01 28.51 5.05
CA LYS B 151 -6.25 29.83 5.63
C LYS B 151 -7.51 30.51 5.08
N HIS B 152 -7.74 30.39 3.77
CA HIS B 152 -8.89 31.02 3.13
C HIS B 152 -10.17 30.20 2.93
N LEU B 153 -10.08 28.89 3.09
CA LEU B 153 -11.25 28.03 2.89
C LEU B 153 -12.36 28.18 3.91
N GLU B 154 -13.60 28.04 3.43
CA GLU B 154 -14.78 28.08 4.30
C GLU B 154 -14.75 26.84 5.18
N ILE B 155 -15.38 26.90 6.35
CA ILE B 155 -15.46 25.75 7.24
C ILE B 155 -16.28 24.74 6.44
N GLY B 156 -15.80 23.49 6.37
CA GLY B 156 -16.46 22.45 5.60
C GLY B 156 -15.96 22.43 4.16
N GLY B 157 -14.87 23.17 3.91
CA GLY B 157 -14.29 23.27 2.59
C GLY B 157 -13.65 22.01 2.01
N ARG B 158 -13.00 22.18 0.86
CA ARG B 158 -12.39 21.07 0.15
C ARG B 158 -11.04 21.40 -0.46
N LEU B 159 -10.10 20.47 -0.33
CA LEU B 159 -8.77 20.61 -0.91
C LEU B 159 -8.46 19.32 -1.65
N ILE B 160 -8.22 19.41 -2.96
CA ILE B 160 -7.89 18.25 -3.78
C ILE B 160 -6.52 18.49 -4.43
N LEU B 161 -5.58 17.60 -4.09
CA LEU B 161 -4.22 17.70 -4.60
C LEU B 161 -4.01 16.77 -5.80
N MET B 162 -3.04 17.13 -6.64
CA MET B 162 -2.76 16.34 -7.84
C MET B 162 -1.54 15.43 -7.73
N GLY B 163 -1.81 14.13 -7.67
CA GLY B 163 -0.73 13.15 -7.63
C GLY B 163 -0.59 12.56 -9.03
N SER B 164 -0.30 11.27 -9.11
CA SER B 164 -0.14 10.57 -10.37
C SER B 164 0.06 9.09 -10.06
N ILE B 165 -0.19 8.24 -11.07
CA ILE B 165 0.00 6.80 -10.91
C ILE B 165 1.50 6.54 -10.62
N THR B 166 2.36 7.51 -10.99
CA THR B 166 3.80 7.42 -10.78
C THR B 166 4.21 7.40 -9.31
N GLY B 167 3.35 7.89 -8.42
CA GLY B 167 3.65 7.86 -7.00
C GLY B 167 3.88 6.42 -6.54
N GLN B 168 3.17 5.49 -7.17
CA GLN B 168 3.25 4.07 -6.83
C GLN B 168 3.73 3.12 -7.97
N ALA B 169 3.87 3.65 -9.19
CA ALA B 169 4.28 2.85 -10.37
C ALA B 169 5.59 2.07 -10.15
N LYS B 170 5.68 0.88 -10.73
CA LYS B 170 6.85 0.02 -10.56
C LYS B 170 7.69 -0.31 -11.79
N ALA B 171 7.29 0.18 -12.96
CA ALA B 171 8.03 -0.15 -14.17
C ALA B 171 8.38 1.01 -15.10
N VAL B 172 8.26 2.24 -14.64
CA VAL B 172 8.61 3.37 -15.48
C VAL B 172 10.08 3.74 -15.22
N PRO B 173 10.97 3.51 -16.21
CA PRO B 173 12.39 3.84 -16.01
C PRO B 173 12.69 5.35 -16.20
N LYS B 174 13.83 5.78 -15.63
CA LYS B 174 14.27 7.17 -15.73
C LYS B 174 13.19 8.16 -15.31
N HIS B 175 12.60 7.93 -14.15
CA HIS B 175 11.47 8.76 -13.71
C HIS B 175 11.48 9.04 -12.21
N ALA B 176 12.61 8.91 -11.54
CA ALA B 176 12.63 9.05 -10.08
C ALA B 176 12.22 10.45 -9.60
N VAL B 177 12.65 11.49 -10.30
CA VAL B 177 12.37 12.85 -9.90
C VAL B 177 10.89 13.19 -9.90
N TYR B 178 10.26 13.04 -11.07
CA TYR B 178 8.84 13.33 -11.20
C TYR B 178 8.00 12.42 -10.30
N SER B 179 8.27 11.12 -10.33
CA SER B 179 7.51 10.15 -9.53
C SER B 179 7.61 10.52 -8.05
N GLY B 180 8.84 10.80 -7.58
CA GLY B 180 9.04 11.17 -6.19
C GLY B 180 8.31 12.45 -5.79
N SER B 181 8.26 13.42 -6.69
CA SER B 181 7.57 14.67 -6.43
C SER B 181 6.06 14.42 -6.25
N LYS B 182 5.55 13.39 -6.92
CA LYS B 182 4.13 13.04 -6.84
C LYS B 182 3.81 12.12 -5.66
N GLY B 183 4.77 11.26 -5.32
CA GLY B 183 4.56 10.34 -4.20
C GLY B 183 4.44 11.09 -2.89
N ALA B 184 5.18 12.20 -2.77
CA ALA B 184 5.14 13.01 -1.55
C ALA B 184 3.74 13.55 -1.30
N ILE B 185 3.01 13.80 -2.38
CA ILE B 185 1.65 14.34 -2.29
C ILE B 185 0.69 13.38 -1.57
N GLU B 186 0.91 12.09 -1.73
CA GLU B 186 0.07 11.09 -1.08
C GLU B 186 0.22 11.18 0.43
N THR B 187 1.45 11.38 0.90
CA THR B 187 1.72 11.54 2.32
C THR B 187 1.12 12.86 2.79
N PHE B 188 1.28 13.93 1.99
CA PHE B 188 0.71 15.25 2.31
C PHE B 188 -0.80 15.13 2.57
N ALA B 189 -1.50 14.37 1.72
CA ALA B 189 -2.95 14.19 1.88
C ALA B 189 -3.30 13.58 3.23
N ARG B 190 -2.58 12.54 3.65
CA ARG B 190 -2.84 11.90 4.93
C ARG B 190 -2.58 12.86 6.11
N CYS B 191 -1.45 13.56 6.05
CA CYS B 191 -1.06 14.49 7.14
C CYS B 191 -1.86 15.79 7.22
N MET B 192 -2.15 16.37 6.07
CA MET B 192 -2.93 17.60 5.99
C MET B 192 -4.39 17.33 6.37
N ALA B 193 -4.90 16.13 6.07
CA ALA B 193 -6.27 15.79 6.41
C ALA B 193 -6.47 15.92 7.91
N ILE B 194 -5.45 15.58 8.69
CA ILE B 194 -5.53 15.70 10.14
C ILE B 194 -5.63 17.18 10.55
N ASP B 195 -4.63 17.98 10.15
CA ASP B 195 -4.58 19.41 10.48
C ASP B 195 -5.79 20.23 10.01
N MET B 196 -6.11 20.10 8.73
CA MET B 196 -7.21 20.85 8.14
C MET B 196 -8.60 20.47 8.62
N ALA B 197 -8.71 19.30 9.27
CA ALA B 197 -10.00 18.86 9.79
C ALA B 197 -10.46 19.79 10.89
N ASP B 198 -9.56 20.61 11.42
CA ASP B 198 -9.99 21.53 12.46
C ASP B 198 -10.89 22.63 11.90
N LYS B 199 -10.95 22.72 10.57
CA LYS B 199 -11.86 23.66 9.90
C LYS B 199 -12.85 22.82 9.08
N LYS B 200 -12.96 21.53 9.42
CA LYS B 200 -13.84 20.56 8.74
C LYS B 200 -13.56 20.45 7.23
N ILE B 201 -12.31 20.67 6.85
CA ILE B 201 -11.91 20.60 5.45
C ILE B 201 -11.39 19.19 5.15
N THR B 202 -11.86 18.58 4.07
CA THR B 202 -11.35 17.26 3.68
C THR B 202 -10.17 17.50 2.73
N VAL B 203 -9.18 16.62 2.79
CA VAL B 203 -8.01 16.73 1.94
C VAL B 203 -7.75 15.38 1.28
N ASN B 204 -7.76 15.34 -0.05
CA ASN B 204 -7.50 14.10 -0.80
C ASN B 204 -6.61 14.35 -2.00
N VAL B 205 -6.04 13.28 -2.55
CA VAL B 205 -5.21 13.40 -3.73
C VAL B 205 -5.72 12.49 -4.84
N VAL B 206 -5.86 13.05 -6.05
CA VAL B 206 -6.29 12.26 -7.18
C VAL B 206 -5.00 11.81 -7.88
N ALA B 207 -4.97 10.56 -8.33
CA ALA B 207 -3.81 10.00 -8.99
C ALA B 207 -4.20 9.46 -10.36
N PRO B 208 -4.13 10.34 -11.39
CA PRO B 208 -4.49 9.90 -12.74
C PRO B 208 -3.43 9.02 -13.40
N GLY B 209 -3.90 8.18 -14.33
CA GLY B 209 -2.99 7.40 -15.16
C GLY B 209 -2.78 8.36 -16.33
N GLY B 210 -2.24 7.90 -17.46
CA GLY B 210 -2.06 8.80 -18.60
C GLY B 210 -3.36 9.42 -19.07
N ILE B 211 -3.34 10.74 -19.27
CA ILE B 211 -4.52 11.50 -19.70
C ILE B 211 -4.11 12.35 -20.92
N LYS B 212 -4.93 12.35 -21.97
CA LYS B 212 -4.63 13.10 -23.20
C LYS B 212 -4.59 14.61 -22.99
N THR B 213 -3.39 15.16 -22.86
CA THR B 213 -3.17 16.60 -22.67
C THR B 213 -1.86 16.96 -23.38
N ASP B 214 -1.45 18.21 -23.25
CA ASP B 214 -0.19 18.66 -23.82
C ASP B 214 0.96 17.87 -23.21
N MET B 215 0.85 17.59 -21.90
CA MET B 215 1.88 16.83 -21.21
C MET B 215 2.01 15.42 -21.80
N TYR B 216 0.87 14.78 -22.01
CA TYR B 216 0.79 13.42 -22.58
C TYR B 216 1.44 13.42 -23.98
N HIS B 217 1.13 14.44 -24.77
CA HIS B 217 1.73 14.55 -26.10
C HIS B 217 3.23 14.66 -26.08
N ALA B 218 3.73 15.42 -25.12
CA ALA B 218 5.16 15.63 -25.01
C ALA B 218 5.97 14.41 -24.54
N VAL B 219 5.42 13.61 -23.62
CA VAL B 219 6.19 12.51 -23.06
C VAL B 219 5.59 11.11 -23.02
N CYS B 220 4.42 10.91 -23.59
CA CYS B 220 3.82 9.57 -23.52
C CYS B 220 4.76 8.46 -23.98
N ARG B 221 5.48 8.71 -25.08
CA ARG B 221 6.43 7.73 -25.60
C ARG B 221 7.51 7.30 -24.61
N GLU B 222 7.83 8.17 -23.63
CA GLU B 222 8.84 7.86 -22.63
C GLU B 222 8.39 6.73 -21.69
N TYR B 223 7.09 6.49 -21.66
CA TYR B 223 6.51 5.44 -20.82
C TYR B 223 6.37 4.15 -21.63
N ILE B 224 6.76 4.19 -22.90
CA ILE B 224 6.63 3.03 -23.80
C ILE B 224 7.97 2.49 -24.28
N PRO B 225 8.29 1.23 -23.93
CA PRO B 225 9.57 0.66 -24.36
C PRO B 225 9.63 0.70 -25.89
N ASN B 226 10.69 1.30 -26.44
CA ASN B 226 10.88 1.40 -27.89
C ASN B 226 9.74 2.15 -28.58
N GLY B 227 9.16 3.15 -27.92
CA GLY B 227 8.07 3.89 -28.52
C GLY B 227 8.43 5.21 -29.16
N GLU B 228 9.72 5.50 -29.26
CA GLU B 228 10.19 6.76 -29.84
C GLU B 228 9.65 7.08 -31.23
N ASN B 229 9.46 6.07 -32.06
CA ASN B 229 8.98 6.27 -33.42
C ASN B 229 7.50 6.04 -33.67
N LEU B 230 6.75 5.67 -32.63
CA LEU B 230 5.32 5.45 -32.78
C LEU B 230 4.59 6.72 -33.25
N SER B 231 3.59 6.55 -34.11
CA SER B 231 2.79 7.66 -34.59
C SER B 231 1.87 8.05 -33.44
N ASN B 232 1.22 9.20 -33.54
CA ASN B 232 0.30 9.63 -32.49
C ASN B 232 -0.83 8.62 -32.37
N GLU B 233 -1.19 8.01 -33.49
CA GLU B 233 -2.26 7.01 -33.56
C GLU B 233 -1.84 5.73 -32.81
N GLU B 234 -0.62 5.28 -33.06
CA GLU B 234 -0.10 4.08 -32.42
C GLU B 234 0.09 4.31 -30.92
N VAL B 235 0.43 5.54 -30.54
CA VAL B 235 0.62 5.88 -29.12
C VAL B 235 -0.72 5.72 -28.38
N ASP B 236 -1.79 6.26 -28.95
CA ASP B 236 -3.12 6.15 -28.34
C ASP B 236 -3.59 4.71 -28.26
N GLU B 237 -3.28 3.93 -29.30
CA GLU B 237 -3.68 2.52 -29.35
C GLU B 237 -2.93 1.75 -28.26
N TYR B 238 -1.65 2.08 -28.07
CA TYR B 238 -0.83 1.44 -27.04
C TYR B 238 -1.39 1.79 -25.65
N ALA B 239 -1.64 3.08 -25.41
CA ALA B 239 -2.18 3.53 -24.13
C ALA B 239 -3.51 2.84 -23.82
N ALA B 240 -4.39 2.78 -24.81
CA ALA B 240 -5.71 2.15 -24.65
C ALA B 240 -5.65 0.66 -24.29
N VAL B 241 -4.81 -0.10 -25.00
CA VAL B 241 -4.69 -1.52 -24.77
C VAL B 241 -3.78 -1.91 -23.61
N GLN B 242 -2.60 -1.32 -23.54
CA GLN B 242 -1.65 -1.65 -22.47
C GLN B 242 -2.05 -1.16 -21.07
N TRP B 243 -2.59 0.06 -20.98
CA TRP B 243 -2.91 0.66 -19.70
C TRP B 243 -4.33 0.60 -19.20
N SER B 244 -5.21 -0.11 -19.89
CA SER B 244 -6.60 -0.24 -19.42
C SER B 244 -7.37 -1.41 -19.99
N PRO B 245 -7.90 -2.26 -19.10
CA PRO B 245 -8.70 -3.42 -19.51
C PRO B 245 -9.95 -2.91 -20.24
N LEU B 246 -10.29 -1.64 -19.98
CA LEU B 246 -11.44 -0.99 -20.62
C LEU B 246 -11.14 -0.55 -22.07
N ARG B 247 -9.88 -0.72 -22.48
CA ARG B 247 -9.43 -0.42 -23.83
C ARG B 247 -9.75 0.96 -24.43
N ARG B 248 -9.33 2.01 -23.74
CA ARG B 248 -9.49 3.38 -24.23
C ARG B 248 -8.47 4.25 -23.49
N VAL B 249 -8.29 5.48 -23.97
CA VAL B 249 -7.34 6.42 -23.36
C VAL B 249 -8.06 7.29 -22.32
N GLY B 250 -7.34 7.66 -21.26
CA GLY B 250 -7.91 8.53 -20.26
C GLY B 250 -8.03 9.95 -20.82
N LEU B 251 -9.08 10.66 -20.40
CA LEU B 251 -9.36 12.02 -20.84
C LEU B 251 -9.51 12.96 -19.64
N PRO B 252 -9.23 14.26 -19.84
CA PRO B 252 -9.34 15.22 -18.74
C PRO B 252 -10.68 15.15 -17.99
N ILE B 253 -11.77 14.88 -18.72
CA ILE B 253 -13.10 14.79 -18.09
C ILE B 253 -13.17 13.64 -17.08
N ASP B 254 -12.44 12.56 -17.33
CA ASP B 254 -12.40 11.42 -16.41
C ASP B 254 -11.92 11.88 -15.03
N ILE B 255 -10.97 12.80 -15.01
CA ILE B 255 -10.43 13.32 -13.76
C ILE B 255 -11.33 14.39 -13.15
N ALA B 256 -11.80 15.32 -13.97
CA ALA B 256 -12.69 16.40 -13.52
C ALA B 256 -13.91 15.86 -12.76
N ARG B 257 -14.51 14.79 -13.29
CA ARG B 257 -15.68 14.17 -12.67
C ARG B 257 -15.41 13.70 -11.26
N VAL B 258 -14.28 13.04 -11.07
CA VAL B 258 -13.92 12.55 -9.74
C VAL B 258 -13.64 13.73 -8.80
N VAL B 259 -13.02 14.79 -9.32
CA VAL B 259 -12.74 15.99 -8.53
C VAL B 259 -14.05 16.61 -8.03
N CYS B 260 -15.07 16.65 -8.89
CA CYS B 260 -16.36 17.21 -8.52
C CYS B 260 -17.02 16.37 -7.42
N PHE B 261 -16.85 15.05 -7.48
CA PHE B 261 -17.41 14.17 -6.47
C PHE B 261 -16.77 14.52 -5.11
N LEU B 262 -15.44 14.55 -5.09
CA LEU B 262 -14.69 14.85 -3.89
C LEU B 262 -15.04 16.23 -3.33
N ALA B 263 -15.26 17.18 -4.24
CA ALA B 263 -15.58 18.56 -3.89
C ALA B 263 -17.00 18.76 -3.36
N SER B 264 -17.87 17.77 -3.58
CA SER B 264 -19.28 17.84 -3.14
C SER B 264 -19.49 17.23 -1.76
N ASN B 265 -20.74 17.31 -1.28
CA ASN B 265 -21.09 16.74 0.02
C ASN B 265 -20.92 15.21 0.00
N ASP B 266 -20.96 14.61 -1.20
CA ASP B 266 -20.79 13.16 -1.38
C ASP B 266 -19.41 12.70 -0.90
N GLY B 267 -18.44 13.60 -0.97
CA GLY B 267 -17.10 13.25 -0.51
C GLY B 267 -16.83 13.60 0.95
N GLY B 268 -17.88 13.90 1.71
CA GLY B 268 -17.72 14.28 3.11
C GLY B 268 -16.95 13.36 4.05
N TRP B 269 -17.10 12.04 3.86
CA TRP B 269 -16.42 11.08 4.72
C TRP B 269 -15.13 10.54 4.06
N VAL B 270 -14.80 11.08 2.90
CA VAL B 270 -13.58 10.69 2.19
C VAL B 270 -12.53 11.78 2.47
N THR B 271 -11.57 11.45 3.34
CA THR B 271 -10.49 12.39 3.65
C THR B 271 -9.20 11.63 3.93
N GLY B 272 -8.08 12.22 3.52
CA GLY B 272 -6.77 11.61 3.71
C GLY B 272 -6.51 10.42 2.78
N LYS B 273 -7.24 10.38 1.66
CA LYS B 273 -7.15 9.28 0.72
C LYS B 273 -6.56 9.60 -0.64
N VAL B 274 -6.06 8.54 -1.28
CA VAL B 274 -5.50 8.60 -2.63
C VAL B 274 -6.52 7.92 -3.52
N ILE B 275 -7.07 8.66 -4.48
CA ILE B 275 -8.06 8.09 -5.41
C ILE B 275 -7.42 7.91 -6.80
N GLY B 276 -7.16 6.66 -7.17
CA GLY B 276 -6.57 6.34 -8.46
C GLY B 276 -7.61 6.41 -9.56
N ILE B 277 -7.30 7.15 -10.62
CA ILE B 277 -8.22 7.30 -11.76
C ILE B 277 -7.40 7.01 -13.00
N ASP B 278 -7.22 5.72 -13.28
CA ASP B 278 -6.40 5.30 -14.40
C ASP B 278 -6.99 4.19 -15.27
N GLY B 279 -8.31 3.98 -15.16
CA GLY B 279 -8.95 2.94 -15.95
C GLY B 279 -8.44 1.54 -15.66
N GLY B 280 -7.83 1.36 -14.48
CA GLY B 280 -7.29 0.08 -14.06
C GLY B 280 -5.89 -0.22 -14.56
N ALA B 281 -5.09 0.81 -14.83
CA ALA B 281 -3.71 0.64 -15.33
C ALA B 281 -2.73 -0.02 -14.37
N CYS B 282 -1.76 -0.70 -14.94
CA CYS B 282 -0.70 -1.33 -14.16
C CYS B 282 0.57 -0.72 -14.76
N MET B 283 1.26 0.14 -14.01
CA MET B 283 2.48 0.78 -14.52
C MET B 283 3.65 0.73 -13.55
N ALA C 3 1.34 -27.82 -27.10
CA ALA C 3 1.85 -28.20 -25.78
C ALA C 3 3.36 -28.40 -25.75
N VAL C 4 4.02 -27.72 -24.80
CA VAL C 4 5.47 -27.83 -24.64
C VAL C 4 5.66 -28.90 -23.56
N THR C 5 5.99 -30.11 -24.01
CA THR C 5 6.13 -31.25 -23.13
C THR C 5 7.51 -31.47 -22.48
N GLN C 6 8.53 -30.74 -22.93
CA GLN C 6 9.88 -30.87 -22.34
C GLN C 6 9.76 -30.56 -20.85
N PRO C 7 10.16 -31.51 -20.00
CA PRO C 7 10.08 -31.29 -18.55
C PRO C 7 11.11 -30.23 -18.13
N ARG C 8 10.91 -29.68 -16.94
CA ARG C 8 11.81 -28.68 -16.35
C ARG C 8 13.23 -29.18 -16.37
N GLY C 9 14.14 -28.30 -16.79
CA GLY C 9 15.55 -28.64 -16.83
C GLY C 9 16.41 -27.43 -16.47
N GLU C 10 17.68 -27.68 -16.16
CA GLU C 10 18.53 -26.55 -15.82
C GLU C 10 18.93 -25.76 -17.06
N SER C 11 19.10 -24.44 -16.87
CA SER C 11 19.47 -23.54 -17.95
C SER C 11 20.38 -22.47 -17.37
N LYS C 12 20.71 -21.46 -18.17
CA LYS C 12 21.59 -20.39 -17.67
C LYS C 12 20.92 -19.66 -16.51
N TYR C 13 19.59 -19.60 -16.53
CA TYR C 13 18.82 -18.93 -15.49
C TYR C 13 18.67 -19.74 -14.20
N ASP C 14 19.32 -20.89 -14.16
CA ASP C 14 19.27 -21.73 -12.97
C ASP C 14 20.51 -21.55 -12.09
N ALA C 15 21.45 -20.72 -12.57
CA ALA C 15 22.69 -20.43 -11.85
C ALA C 15 22.37 -19.79 -10.51
N ILE C 16 22.93 -20.33 -9.43
CA ILE C 16 22.73 -19.82 -8.08
C ILE C 16 23.57 -18.55 -7.88
N PRO C 17 22.92 -17.44 -7.51
CA PRO C 17 23.62 -16.16 -7.29
C PRO C 17 24.25 -16.20 -5.88
N GLY C 18 25.57 -16.21 -5.80
CA GLY C 18 26.19 -16.25 -4.49
C GLY C 18 26.21 -17.60 -3.82
N PRO C 19 26.84 -17.71 -2.64
CA PRO C 19 26.94 -18.98 -1.92
C PRO C 19 25.69 -19.47 -1.21
N LEU C 20 25.59 -20.79 -1.17
CA LEU C 20 24.51 -21.45 -0.46
C LEU C 20 24.94 -21.47 1.01
N GLY C 21 23.98 -21.49 1.92
CA GLY C 21 24.32 -21.50 3.33
C GLY C 21 24.54 -20.13 3.96
N PRO C 22 24.98 -20.10 5.24
CA PRO C 22 25.25 -18.89 6.04
C PRO C 22 26.21 -17.83 5.48
N GLN C 23 27.12 -18.22 4.60
CA GLN C 23 28.06 -17.26 4.00
C GLN C 23 27.34 -16.20 3.20
N SER C 24 26.11 -16.50 2.75
CA SER C 24 25.32 -15.55 1.99
C SER C 24 24.98 -14.29 2.81
N ALA C 25 25.07 -14.40 4.13
CA ALA C 25 24.79 -13.26 5.00
C ALA C 25 26.06 -12.48 5.33
N SER C 26 27.21 -13.00 4.90
CA SER C 26 28.50 -12.36 5.20
C SER C 26 28.78 -11.02 4.51
N LEU C 27 29.34 -10.08 5.27
CA LEU C 27 29.71 -8.77 4.71
C LEU C 27 31.23 -8.62 4.76
N GLU C 28 31.91 -9.74 4.98
CA GLU C 28 33.37 -9.77 5.06
C GLU C 28 34.01 -9.22 3.80
N GLY C 29 34.92 -8.26 3.96
CA GLY C 29 35.60 -7.68 2.80
C GLY C 29 34.85 -6.61 2.03
N LYS C 30 33.66 -6.25 2.50
CA LYS C 30 32.87 -5.22 1.84
C LYS C 30 33.27 -3.84 2.40
N VAL C 31 33.00 -2.80 1.62
CA VAL C 31 33.26 -1.43 2.04
C VAL C 31 31.91 -0.70 2.02
N ALA C 32 31.58 -0.05 3.12
CA ALA C 32 30.30 0.67 3.25
C ALA C 32 30.50 2.13 3.62
N LEU C 33 29.59 2.97 3.15
CA LEU C 33 29.58 4.39 3.46
C LEU C 33 28.21 4.67 4.09
N VAL C 34 28.20 5.36 5.23
CA VAL C 34 26.96 5.69 5.94
C VAL C 34 26.91 7.20 6.20
N THR C 35 25.88 7.88 5.70
CA THR C 35 25.76 9.33 5.92
C THR C 35 25.21 9.55 7.33
N GLY C 36 25.74 10.57 8.02
CA GLY C 36 25.31 10.88 9.37
C GLY C 36 25.57 9.72 10.34
N ALA C 37 26.76 9.14 10.27
CA ALA C 37 27.15 8.00 11.10
C ALA C 37 27.87 8.33 12.43
N GLY C 38 27.92 9.63 12.78
CA GLY C 38 28.58 10.04 14.03
C GLY C 38 27.74 9.75 15.26
N ARG C 39 26.43 9.64 15.04
CA ARG C 39 25.48 9.36 16.12
C ARG C 39 24.15 8.77 15.63
N GLY C 40 23.34 8.32 16.57
CA GLY C 40 22.03 7.77 16.29
C GLY C 40 22.00 6.47 15.50
N ILE C 41 20.99 6.36 14.63
CA ILE C 41 20.83 5.17 13.80
C ILE C 41 22.04 4.98 12.89
N GLY C 42 22.52 6.07 12.30
CA GLY C 42 23.67 6.03 11.42
C GLY C 42 24.88 5.43 12.11
N ARG C 43 25.11 5.83 13.37
CA ARG C 43 26.23 5.30 14.14
C ARG C 43 26.12 3.78 14.31
N GLU C 44 24.92 3.29 14.65
CA GLU C 44 24.76 1.84 14.84
C GLU C 44 24.88 1.05 13.53
N MET C 45 24.43 1.63 12.42
CA MET C 45 24.58 0.99 11.11
C MET C 45 26.09 0.79 10.87
N ALA C 46 26.85 1.87 11.08
CA ALA C 46 28.31 1.84 10.91
C ALA C 46 28.96 0.79 11.83
N MET C 47 28.57 0.78 13.10
CA MET C 47 29.09 -0.17 14.09
C MET C 47 28.83 -1.64 13.70
N GLU C 48 27.57 -1.95 13.39
CA GLU C 48 27.14 -3.31 13.02
C GLU C 48 27.77 -3.78 11.70
N LEU C 49 27.80 -2.90 10.71
CA LEU C 49 28.41 -3.20 9.41
C LEU C 49 29.88 -3.59 9.69
N GLY C 50 30.53 -2.82 10.56
CA GLY C 50 31.92 -3.07 10.94
C GLY C 50 32.09 -4.42 11.59
N ARG C 51 31.18 -4.76 12.52
CA ARG C 51 31.21 -6.04 13.23
C ARG C 51 31.06 -7.21 12.27
N ARG C 52 30.32 -7.02 11.19
CA ARG C 52 30.11 -8.08 10.20
C ARG C 52 31.20 -8.14 9.13
N GLY C 53 32.27 -7.36 9.30
CA GLY C 53 33.37 -7.39 8.36
C GLY C 53 33.60 -6.26 7.37
N CYS C 54 32.75 -5.23 7.40
CA CYS C 54 32.90 -4.09 6.49
C CYS C 54 33.90 -3.07 6.97
N LYS C 55 34.55 -2.44 6.01
CA LYS C 55 35.44 -1.32 6.30
C LYS C 55 34.41 -0.20 6.12
N VAL C 56 34.42 0.81 6.97
CA VAL C 56 33.38 1.83 6.89
C VAL C 56 33.81 3.29 6.79
N ILE C 57 33.12 4.02 5.93
CA ILE C 57 33.34 5.46 5.77
C ILE C 57 32.24 6.10 6.61
N VAL C 58 32.67 6.75 7.69
CA VAL C 58 31.78 7.43 8.63
C VAL C 58 31.59 8.90 8.24
N ASN C 59 30.48 9.22 7.58
CA ASN C 59 30.21 10.61 7.22
C ASN C 59 29.54 11.37 8.39
N TYR C 60 29.83 12.65 8.47
CA TYR C 60 29.22 13.53 9.48
C TYR C 60 29.23 14.93 8.90
N ALA C 61 28.38 15.80 9.44
CA ALA C 61 28.32 17.17 8.98
C ALA C 61 28.82 18.12 10.06
N ASN C 62 28.50 17.79 11.31
CA ASN C 62 28.84 18.63 12.47
C ASN C 62 29.52 17.90 13.62
N SER C 63 29.06 16.70 13.94
CA SER C 63 29.57 15.91 15.06
C SER C 63 30.95 15.29 14.86
N THR C 64 31.95 16.15 14.76
CA THR C 64 33.34 15.74 14.53
C THR C 64 33.88 14.76 15.55
N GLU C 65 33.77 15.11 16.82
CA GLU C 65 34.28 14.26 17.86
C GLU C 65 33.57 12.93 17.93
N SER C 66 32.25 12.94 17.76
CA SER C 66 31.45 11.73 17.78
C SER C 66 31.86 10.83 16.63
N ALA C 67 32.07 11.44 15.46
CA ALA C 67 32.48 10.69 14.27
C ALA C 67 33.81 10.00 14.52
N GLU C 68 34.75 10.73 15.14
CA GLU C 68 36.06 10.16 15.42
C GLU C 68 35.99 9.00 16.41
N GLU C 69 35.04 9.08 17.33
CA GLU C 69 34.85 8.02 18.31
C GLU C 69 34.31 6.76 17.64
N VAL C 70 33.42 6.94 16.66
CA VAL C 70 32.84 5.80 15.93
C VAL C 70 33.94 5.08 15.14
N VAL C 71 34.78 5.86 14.46
CA VAL C 71 35.88 5.30 13.67
C VAL C 71 36.81 4.48 14.56
N ALA C 72 37.14 5.03 15.73
CA ALA C 72 38.01 4.36 16.70
C ALA C 72 37.39 3.07 17.22
N ALA C 73 36.08 3.09 17.48
CA ALA C 73 35.37 1.92 17.97
C ALA C 73 35.33 0.80 16.92
N ILE C 74 35.11 1.16 15.66
CA ILE C 74 35.05 0.16 14.57
C ILE C 74 36.43 -0.50 14.43
N LYS C 75 37.48 0.31 14.44
CA LYS C 75 38.84 -0.20 14.35
C LYS C 75 39.13 -1.14 15.52
N LYS C 76 38.71 -0.74 16.72
CA LYS C 76 38.92 -1.53 17.92
C LYS C 76 38.18 -2.86 17.84
N ASN C 77 37.04 -2.86 17.14
CA ASN C 77 36.25 -4.07 16.96
C ASN C 77 36.83 -5.00 15.88
N GLY C 78 37.84 -4.54 15.16
CA GLY C 78 38.46 -5.39 14.16
C GLY C 78 38.40 -4.99 12.69
N SER C 79 37.73 -3.88 12.37
CA SER C 79 37.63 -3.42 10.98
C SER C 79 38.19 -2.02 10.79
N ASP C 80 38.58 -1.70 9.57
CA ASP C 80 39.12 -0.38 9.30
C ASP C 80 37.97 0.60 9.07
N ALA C 81 38.22 1.87 9.37
CA ALA C 81 37.21 2.91 9.19
C ALA C 81 37.88 4.27 9.02
N ALA C 82 37.13 5.24 8.51
CA ALA C 82 37.63 6.59 8.31
C ALA C 82 36.43 7.52 8.22
N CYS C 83 36.57 8.73 8.75
CA CYS C 83 35.47 9.70 8.70
C CYS C 83 35.67 10.74 7.59
N VAL C 84 34.55 11.15 6.99
CA VAL C 84 34.56 12.13 5.92
C VAL C 84 33.48 13.15 6.19
N LYS C 85 33.86 14.42 6.22
CA LYS C 85 32.92 15.50 6.46
C LYS C 85 32.23 15.97 5.17
N ALA C 86 30.90 16.01 5.20
CA ALA C 86 30.11 16.45 4.07
C ALA C 86 28.68 16.73 4.50
N ASN C 87 28.15 17.85 4.03
CA ASN C 87 26.79 18.27 4.34
C ASN C 87 25.96 17.88 3.11
N VAL C 88 24.95 17.02 3.31
CA VAL C 88 24.10 16.57 2.19
C VAL C 88 23.22 17.64 1.55
N GLY C 89 23.16 18.82 2.18
CA GLY C 89 22.40 19.91 1.63
C GLY C 89 23.21 20.59 0.53
N VAL C 90 24.47 20.19 0.35
CA VAL C 90 25.35 20.77 -0.65
C VAL C 90 25.82 19.66 -1.60
N VAL C 91 25.26 19.62 -2.80
CA VAL C 91 25.60 18.58 -3.77
C VAL C 91 27.10 18.43 -4.04
N GLU C 92 27.82 19.56 -4.05
CA GLU C 92 29.26 19.57 -4.29
C GLU C 92 29.97 18.78 -3.18
N ASP C 93 29.45 18.89 -1.95
CA ASP C 93 29.99 18.17 -0.79
C ASP C 93 29.81 16.67 -0.97
N ILE C 94 28.63 16.28 -1.46
CA ILE C 94 28.29 14.88 -1.70
C ILE C 94 29.26 14.30 -2.75
N VAL C 95 29.42 15.01 -3.86
CA VAL C 95 30.31 14.58 -4.93
C VAL C 95 31.72 14.37 -4.39
N ARG C 96 32.20 15.35 -3.61
CA ARG C 96 33.53 15.28 -3.01
C ARG C 96 33.67 14.11 -2.03
N MET C 97 32.63 13.90 -1.22
CA MET C 97 32.62 12.84 -0.24
C MET C 97 32.82 11.48 -0.90
N PHE C 98 32.12 11.23 -2.01
CA PHE C 98 32.27 9.95 -2.70
C PHE C 98 33.64 9.72 -3.32
N GLU C 99 34.23 10.80 -3.86
CA GLU C 99 35.57 10.74 -4.46
C GLU C 99 36.61 10.44 -3.38
N GLU C 100 36.44 11.07 -2.21
CA GLU C 100 37.36 10.84 -1.10
C GLU C 100 37.21 9.41 -0.59
N ALA C 101 35.97 8.95 -0.45
CA ALA C 101 35.67 7.61 0.02
C ALA C 101 36.34 6.52 -0.82
N VAL C 102 36.24 6.62 -2.14
CA VAL C 102 36.86 5.61 -2.99
C VAL C 102 38.40 5.67 -2.92
N LYS C 103 38.94 6.85 -2.67
CA LYS C 103 40.40 6.99 -2.54
C LYS C 103 40.88 6.25 -1.29
N ILE C 104 40.13 6.38 -0.21
CA ILE C 104 40.44 5.73 1.07
C ILE C 104 40.48 4.21 1.04
N PHE C 105 39.38 3.59 0.60
CA PHE C 105 39.29 2.14 0.57
C PHE C 105 39.28 1.48 -0.80
N GLY C 106 39.37 2.29 -1.86
CA GLY C 106 39.42 1.78 -3.23
C GLY C 106 38.14 1.40 -3.93
N LYS C 107 37.12 1.05 -3.15
CA LYS C 107 35.85 0.66 -3.72
C LYS C 107 34.74 0.92 -2.72
N LEU C 108 33.51 0.80 -3.18
CA LEU C 108 32.34 1.04 -2.37
C LEU C 108 31.31 -0.02 -2.78
N ASP C 109 30.92 -0.84 -1.81
CA ASP C 109 29.95 -1.90 -2.05
C ASP C 109 28.57 -1.57 -1.54
N ILE C 110 28.53 -0.82 -0.44
CA ILE C 110 27.28 -0.47 0.23
C ILE C 110 27.20 1.00 0.60
N VAL C 111 26.05 1.61 0.32
CA VAL C 111 25.82 3.00 0.69
C VAL C 111 24.49 3.09 1.45
N CYS C 112 24.57 3.61 2.67
CA CYS C 112 23.41 3.80 3.52
C CYS C 112 23.16 5.29 3.65
N SER C 113 22.10 5.76 2.99
CA SER C 113 21.69 7.16 3.04
C SER C 113 20.82 7.30 4.30
N ASN C 114 21.41 7.80 5.37
CA ASN C 114 20.75 7.90 6.67
C ASN C 114 20.49 9.31 7.21
N SER C 115 21.36 10.27 6.92
CA SER C 115 21.20 11.63 7.42
C SER C 115 19.77 12.19 7.31
N GLY C 116 19.30 12.82 8.38
CA GLY C 116 17.97 13.41 8.34
C GLY C 116 17.69 14.36 9.51
N VAL C 117 16.67 15.19 9.35
CA VAL C 117 16.24 16.13 10.39
C VAL C 117 14.72 15.99 10.50
N VAL C 118 14.17 16.28 11.67
CA VAL C 118 12.73 16.19 11.89
C VAL C 118 12.15 17.58 12.16
N SER C 119 10.85 17.71 11.91
CA SER C 119 10.17 18.98 12.07
C SER C 119 8.70 18.72 12.40
N PHE C 120 8.12 19.61 13.19
CA PHE C 120 6.72 19.56 13.58
C PHE C 120 6.10 20.95 13.42
N GLY C 121 4.84 21.00 12.99
CA GLY C 121 4.16 22.27 12.81
C GLY C 121 2.87 22.09 12.02
N HIS C 122 1.79 22.74 12.48
CA HIS C 122 0.51 22.69 11.77
C HIS C 122 0.80 23.28 10.38
N VAL C 123 0.19 22.69 9.34
CA VAL C 123 0.38 23.16 7.96
C VAL C 123 0.24 24.69 7.79
N LYS C 124 -0.67 25.29 8.57
CA LYS C 124 -0.92 26.73 8.50
C LYS C 124 0.29 27.58 8.89
N ASP C 125 1.14 27.04 9.75
CA ASP C 125 2.33 27.75 10.26
C ASP C 125 3.65 27.51 9.55
N VAL C 126 3.68 26.54 8.65
CA VAL C 126 4.90 26.20 7.93
C VAL C 126 5.39 27.31 6.97
N THR C 127 6.64 27.70 7.12
CA THR C 127 7.24 28.72 6.27
C THR C 127 8.04 28.05 5.14
N PRO C 128 8.27 28.78 4.05
CA PRO C 128 9.03 28.21 2.93
C PRO C 128 10.43 27.81 3.42
N GLU C 129 10.99 28.56 4.38
CA GLU C 129 12.32 28.24 4.87
C GLU C 129 12.35 26.92 5.59
N GLU C 130 11.32 26.64 6.38
CA GLU C 130 11.23 25.39 7.12
C GLU C 130 11.04 24.21 6.16
N PHE C 131 10.12 24.38 5.20
CA PHE C 131 9.86 23.34 4.20
C PHE C 131 11.15 23.01 3.46
N ASP C 132 11.83 24.04 2.97
CA ASP C 132 13.09 23.87 2.26
C ASP C 132 14.17 23.26 3.13
N ARG C 133 14.23 23.65 4.40
CA ARG C 133 15.23 23.12 5.32
C ARG C 133 15.10 21.60 5.41
N VAL C 134 13.88 21.13 5.59
CA VAL C 134 13.58 19.71 5.72
C VAL C 134 13.76 18.91 4.42
N PHE C 135 13.18 19.41 3.33
CA PHE C 135 13.28 18.76 2.03
C PHE C 135 14.70 18.74 1.43
N THR C 136 15.47 19.80 1.66
CA THR C 136 16.84 19.85 1.15
C THR C 136 17.72 18.75 1.74
N ILE C 137 17.50 18.40 3.01
CA ILE C 137 18.27 17.35 3.64
C ILE C 137 17.65 15.96 3.45
N ASN C 138 16.37 15.81 3.81
CA ASN C 138 15.68 14.52 3.76
C ASN C 138 15.33 13.93 2.41
N THR C 139 15.09 14.79 1.41
CA THR C 139 14.67 14.33 0.11
C THR C 139 15.70 14.61 -1.00
N ARG C 140 16.01 15.88 -1.18
CA ARG C 140 16.98 16.30 -2.17
C ARG C 140 18.34 15.70 -1.81
N GLY C 141 18.73 15.81 -0.55
CA GLY C 141 20.00 15.28 -0.08
C GLY C 141 20.13 13.78 -0.34
N GLN C 142 19.09 13.02 0.03
CA GLN C 142 19.11 11.58 -0.19
C GLN C 142 19.15 11.26 -1.68
N PHE C 143 18.47 12.07 -2.48
CA PHE C 143 18.45 11.87 -3.94
C PHE C 143 19.86 12.00 -4.51
N PHE C 144 20.57 13.05 -4.12
CA PHE C 144 21.91 13.22 -4.65
C PHE C 144 22.97 12.28 -4.07
N VAL C 145 22.71 11.77 -2.87
CA VAL C 145 23.59 10.80 -2.25
C VAL C 145 23.39 9.53 -3.11
N ALA C 146 22.14 9.23 -3.47
CA ALA C 146 21.82 8.06 -4.31
C ALA C 146 22.47 8.18 -5.69
N ARG C 147 22.43 9.39 -6.27
CA ARG C 147 22.99 9.62 -7.60
C ARG C 147 24.48 9.29 -7.62
N GLU C 148 25.22 9.86 -6.66
CA GLU C 148 26.65 9.63 -6.56
C GLU C 148 26.96 8.18 -6.17
N ALA C 149 26.10 7.58 -5.37
CA ALA C 149 26.27 6.19 -4.98
C ALA C 149 26.21 5.32 -6.23
N TYR C 150 25.23 5.59 -7.10
CA TYR C 150 25.07 4.82 -8.33
C TYR C 150 26.35 4.87 -9.15
N LYS C 151 26.90 6.08 -9.28
CA LYS C 151 28.10 6.29 -10.07
C LYS C 151 29.34 5.53 -9.53
N HIS C 152 29.50 5.50 -8.21
CA HIS C 152 30.65 4.87 -7.57
C HIS C 152 30.53 3.44 -7.07
N LEU C 153 29.30 2.99 -6.84
CA LEU C 153 29.10 1.63 -6.35
C LEU C 153 29.61 0.52 -7.28
N GLU C 154 30.06 -0.57 -6.67
CA GLU C 154 30.52 -1.75 -7.39
C GLU C 154 29.31 -2.36 -8.12
N ILE C 155 29.57 -3.10 -9.20
CA ILE C 155 28.51 -3.82 -9.91
C ILE C 155 28.01 -4.84 -8.87
N GLY C 156 26.69 -4.94 -8.69
CA GLY C 156 26.13 -5.84 -7.70
C GLY C 156 26.08 -5.19 -6.32
N GLY C 157 26.25 -3.87 -6.29
CA GLY C 157 26.24 -3.11 -5.06
C GLY C 157 24.90 -2.97 -4.36
N ARG C 158 24.88 -2.12 -3.32
CA ARG C 158 23.70 -1.92 -2.47
C ARG C 158 23.46 -0.47 -2.08
N LEU C 159 22.21 -0.03 -2.21
CA LEU C 159 21.80 1.32 -1.81
C LEU C 159 20.60 1.20 -0.89
N ILE C 160 20.75 1.63 0.37
CA ILE C 160 19.67 1.59 1.36
C ILE C 160 19.32 3.02 1.79
N LEU C 161 18.09 3.43 1.50
CA LEU C 161 17.61 4.76 1.82
C LEU C 161 16.84 4.77 3.15
N MET C 162 16.83 5.93 3.81
CA MET C 162 16.14 6.07 5.08
C MET C 162 14.78 6.77 4.98
N GLY C 163 13.74 5.98 5.18
CA GLY C 163 12.39 6.49 5.16
C GLY C 163 11.93 6.63 6.61
N SER C 164 10.65 6.37 6.85
CA SER C 164 10.07 6.47 8.18
C SER C 164 8.64 5.96 8.13
N ILE C 165 8.16 5.49 9.29
CA ILE C 165 6.79 5.02 9.42
C ILE C 165 5.86 6.19 9.05
N THR C 166 6.37 7.42 9.17
CA THR C 166 5.59 8.61 8.83
C THR C 166 5.21 8.74 7.35
N GLY C 167 5.92 8.02 6.48
CA GLY C 167 5.62 8.07 5.06
C GLY C 167 4.19 7.56 4.81
N GLN C 168 3.76 6.63 5.66
CA GLN C 168 2.43 6.04 5.54
C GLN C 168 1.50 6.30 6.74
N ALA C 169 2.04 6.88 7.81
CA ALA C 169 1.28 7.13 9.04
C ALA C 169 0.00 7.93 8.84
N LYS C 170 -1.03 7.59 9.60
CA LYS C 170 -2.32 8.27 9.46
C LYS C 170 -2.81 9.09 10.65
N ALA C 171 -2.08 9.08 11.76
CA ALA C 171 -2.57 9.80 12.92
C ALA C 171 -1.61 10.76 13.61
N VAL C 172 -0.53 11.14 12.93
CA VAL C 172 0.40 12.08 13.53
C VAL C 172 0.07 13.49 13.05
N PRO C 173 -0.46 14.34 13.96
CA PRO C 173 -0.81 15.71 13.57
C PRO C 173 0.41 16.63 13.47
N LYS C 174 0.25 17.74 12.72
CA LYS C 174 1.31 18.74 12.53
C LYS C 174 2.61 18.11 12.04
N HIS C 175 2.53 17.26 11.03
CA HIS C 175 3.70 16.55 10.56
C HIS C 175 3.80 16.42 9.03
N ALA C 176 3.09 17.25 8.28
CA ALA C 176 3.05 17.08 6.82
C ALA C 176 4.42 17.22 6.12
N VAL C 177 5.22 18.19 6.56
CA VAL C 177 6.52 18.43 5.95
C VAL C 177 7.48 17.25 6.10
N TYR C 178 7.74 16.84 7.34
CA TYR C 178 8.65 15.71 7.58
C TYR C 178 8.12 14.42 6.95
N SER C 179 6.84 14.14 7.19
CA SER C 179 6.24 12.92 6.66
C SER C 179 6.38 12.87 5.13
N GLY C 180 6.07 13.99 4.48
CA GLY C 180 6.16 14.10 3.02
C GLY C 180 7.57 13.91 2.50
N SER C 181 8.55 14.47 3.22
CA SER C 181 9.94 14.35 2.82
C SER C 181 10.38 12.87 2.85
N LYS C 182 9.77 12.09 3.76
CA LYS C 182 10.06 10.67 3.90
C LYS C 182 9.25 9.80 2.93
N GLY C 183 8.00 10.20 2.66
CA GLY C 183 7.16 9.45 1.75
C GLY C 183 7.73 9.42 0.34
N ALA C 184 8.37 10.53 -0.06
CA ALA C 184 8.99 10.63 -1.37
C ALA C 184 10.08 9.58 -1.54
N ILE C 185 10.72 9.20 -0.43
CA ILE C 185 11.80 8.22 -0.45
C ILE C 185 11.34 6.83 -0.91
N GLU C 186 10.10 6.48 -0.56
CA GLU C 186 9.51 5.21 -0.94
C GLU C 186 9.37 5.11 -2.46
N THR C 187 8.91 6.19 -3.09
CA THR C 187 8.77 6.25 -4.54
C THR C 187 10.17 6.21 -5.18
N PHE C 188 11.12 6.92 -4.58
CA PHE C 188 12.49 6.95 -5.07
C PHE C 188 13.01 5.51 -5.13
N ALA C 189 12.71 4.71 -4.10
CA ALA C 189 13.18 3.31 -4.04
C ALA C 189 12.68 2.50 -5.26
N ARG C 190 11.38 2.61 -5.54
CA ARG C 190 10.80 1.91 -6.67
C ARG C 190 11.43 2.33 -8.01
N CYS C 191 11.53 3.65 -8.22
CA CYS C 191 12.08 4.19 -9.46
C CYS C 191 13.59 4.06 -9.64
N MET C 192 14.34 4.18 -8.55
CA MET C 192 15.79 4.05 -8.64
C MET C 192 16.18 2.59 -8.81
N ALA C 193 15.38 1.67 -8.27
CA ALA C 193 15.65 0.24 -8.39
C ALA C 193 15.70 -0.15 -9.88
N ILE C 194 14.86 0.51 -10.69
CA ILE C 194 14.84 0.22 -12.13
C ILE C 194 16.15 0.68 -12.80
N ASP C 195 16.46 1.98 -12.66
CA ASP C 195 17.66 2.58 -13.24
C ASP C 195 18.96 1.93 -12.78
N MET C 196 19.11 1.82 -11.47
CA MET C 196 20.33 1.28 -10.86
C MET C 196 20.56 -0.20 -11.09
N ALA C 197 19.50 -0.91 -11.48
CA ALA C 197 19.60 -2.32 -11.77
C ALA C 197 20.52 -2.52 -12.97
N ASP C 198 20.77 -1.47 -13.77
CA ASP C 198 21.68 -1.62 -14.91
C ASP C 198 23.13 -1.87 -14.49
N LYS C 199 23.39 -1.76 -13.18
CA LYS C 199 24.69 -2.06 -12.58
C LYS C 199 24.47 -3.13 -11.50
N LYS C 200 23.33 -3.83 -11.58
CA LYS C 200 22.96 -4.89 -10.62
C LYS C 200 22.91 -4.41 -9.16
N ILE C 201 22.63 -3.13 -8.98
CA ILE C 201 22.52 -2.53 -7.65
C ILE C 201 21.05 -2.61 -7.19
N THR C 202 20.85 -3.10 -5.96
CA THR C 202 19.49 -3.16 -5.39
C THR C 202 19.27 -1.86 -4.62
N VAL C 203 18.04 -1.33 -4.69
CA VAL C 203 17.70 -0.10 -4.01
C VAL C 203 16.47 -0.33 -3.15
N ASN C 204 16.61 -0.13 -1.85
CA ASN C 204 15.49 -0.31 -0.92
C ASN C 204 15.44 0.79 0.11
N VAL C 205 14.29 0.97 0.74
CA VAL C 205 14.18 1.97 1.81
C VAL C 205 13.70 1.29 3.08
N VAL C 206 14.37 1.61 4.20
CA VAL C 206 13.96 1.09 5.51
C VAL C 206 13.07 2.17 6.12
N ALA C 207 11.97 1.74 6.75
CA ALA C 207 11.02 2.66 7.37
C ALA C 207 10.88 2.35 8.86
N PRO C 208 11.75 2.95 9.69
CA PRO C 208 11.66 2.69 11.12
C PRO C 208 10.46 3.35 11.83
N GLY C 209 10.08 2.77 12.96
CA GLY C 209 9.06 3.38 13.81
C GLY C 209 9.97 4.18 14.75
N GLY C 210 9.46 4.62 15.91
CA GLY C 210 10.30 5.35 16.84
C GLY C 210 11.46 4.49 17.33
N ILE C 211 12.66 5.07 17.31
CA ILE C 211 13.90 4.39 17.72
C ILE C 211 14.63 5.32 18.71
N LYS C 212 15.03 4.80 19.87
CA LYS C 212 15.73 5.64 20.86
C LYS C 212 17.05 6.20 20.36
N THR C 213 17.08 7.51 20.12
CA THR C 213 18.25 8.27 19.65
C THR C 213 18.08 9.71 20.14
N ASP C 214 18.97 10.60 19.70
CA ASP C 214 18.87 12.02 20.07
C ASP C 214 17.59 12.62 19.47
N MET C 215 17.26 12.20 18.24
CA MET C 215 16.05 12.69 17.59
C MET C 215 14.81 12.28 18.36
N TYR C 216 14.72 10.99 18.70
CA TYR C 216 13.60 10.45 19.48
C TYR C 216 13.46 11.22 20.78
N HIS C 217 14.60 11.44 21.43
CA HIS C 217 14.63 12.16 22.68
C HIS C 217 14.09 13.58 22.53
N ALA C 218 14.43 14.22 21.42
CA ALA C 218 14.00 15.58 21.15
C ALA C 218 12.51 15.73 20.83
N VAL C 219 11.94 14.81 20.06
CA VAL C 219 10.54 14.98 19.64
C VAL C 219 9.51 13.86 19.88
N CYS C 220 9.88 12.81 20.60
CA CYS C 220 8.93 11.71 20.84
C CYS C 220 7.60 12.18 21.42
N ARG C 221 7.64 13.16 22.33
CA ARG C 221 6.42 13.69 22.94
C ARG C 221 5.45 14.31 21.94
N GLU C 222 5.98 14.75 20.80
CA GLU C 222 5.15 15.35 19.76
C GLU C 222 4.21 14.33 19.10
N TYR C 223 4.59 13.05 19.19
CA TYR C 223 3.79 11.95 18.63
C TYR C 223 2.81 11.41 19.67
N ILE C 224 2.86 11.97 20.87
CA ILE C 224 2.00 11.54 21.97
C ILE C 224 0.99 12.60 22.40
N PRO C 225 -0.32 12.31 22.25
CA PRO C 225 -1.34 13.29 22.67
C PRO C 225 -1.16 13.60 24.15
N ASN C 226 -1.04 14.88 24.48
CA ASN C 226 -0.87 15.30 25.87
C ASN C 226 0.39 14.71 26.51
N GLY C 227 1.44 14.57 25.70
CA GLY C 227 2.66 13.99 26.21
C GLY C 227 3.73 14.96 26.66
N GLU C 228 3.45 16.27 26.56
CA GLU C 228 4.42 17.30 26.93
C GLU C 228 5.11 17.16 28.30
N ASN C 229 4.34 16.76 29.31
CA ASN C 229 4.88 16.61 30.65
C ASN C 229 5.26 15.20 31.09
N LEU C 230 5.31 14.26 30.14
CA LEU C 230 5.71 12.91 30.51
C LEU C 230 7.22 12.85 30.77
N SER C 231 7.61 12.09 31.78
CA SER C 231 9.03 11.90 32.12
C SER C 231 9.65 11.05 31.03
N ASN C 232 10.99 10.98 31.00
CA ASN C 232 11.69 10.17 30.00
C ASN C 232 11.26 8.70 30.14
N GLU C 233 11.06 8.26 31.38
CA GLU C 233 10.62 6.90 31.69
C GLU C 233 9.22 6.66 31.15
N GLU C 234 8.33 7.61 31.42
CA GLU C 234 6.95 7.52 30.96
C GLU C 234 6.85 7.51 29.43
N VAL C 235 7.72 8.28 28.76
CA VAL C 235 7.70 8.33 27.31
C VAL C 235 8.07 6.96 26.75
N ASP C 236 9.09 6.32 27.33
CA ASP C 236 9.55 4.99 26.89
C ASP C 236 8.46 3.95 27.10
N GLU C 237 7.79 4.01 28.25
CA GLU C 237 6.71 3.08 28.56
C GLU C 237 5.58 3.23 27.53
N TYR C 238 5.25 4.47 27.19
CA TYR C 238 4.21 4.76 26.20
C TYR C 238 4.62 4.18 24.83
N ALA C 239 5.84 4.47 24.40
CA ALA C 239 6.35 3.97 23.12
C ALA C 239 6.28 2.43 23.06
N ALA C 240 6.70 1.79 24.15
CA ALA C 240 6.72 0.33 24.26
C ALA C 240 5.34 -0.32 24.15
N VAL C 241 4.38 0.24 24.88
CA VAL C 241 3.03 -0.30 24.91
C VAL C 241 2.12 0.16 23.78
N GLN C 242 2.17 1.44 23.44
CA GLN C 242 1.33 1.98 22.38
C GLN C 242 1.74 1.60 20.97
N TRP C 243 3.04 1.60 20.68
CA TRP C 243 3.50 1.34 19.34
C TRP C 243 4.01 -0.06 19.02
N SER C 244 3.89 -0.99 19.96
CA SER C 244 4.32 -2.35 19.68
C SER C 244 3.65 -3.44 20.51
N PRO C 245 3.05 -4.44 19.83
CA PRO C 245 2.39 -5.55 20.53
C PRO C 245 3.49 -6.35 21.24
N LEU C 246 4.74 -6.16 20.80
CA LEU C 246 5.91 -6.81 21.41
C LEU C 246 6.34 -6.14 22.73
N ARG C 247 5.73 -4.99 23.02
CA ARG C 247 5.93 -4.23 24.25
C ARG C 247 7.34 -3.80 24.63
N ARG C 248 8.05 -3.21 23.69
CA ARG C 248 9.38 -2.68 23.96
C ARG C 248 9.65 -1.52 23.01
N VAL C 249 10.69 -0.77 23.29
CA VAL C 249 11.06 0.38 22.46
C VAL C 249 12.02 -0.05 21.33
N GLY C 250 11.89 0.56 20.17
CA GLY C 250 12.78 0.24 19.06
C GLY C 250 14.17 0.81 19.37
N LEU C 251 15.20 0.09 18.93
CA LEU C 251 16.59 0.49 19.18
C LEU C 251 17.39 0.60 17.87
N PRO C 252 18.47 1.40 17.86
CA PRO C 252 19.26 1.54 16.62
C PRO C 252 19.72 0.20 16.04
N ILE C 253 20.01 -0.77 16.91
CA ILE C 253 20.46 -2.10 16.49
C ILE C 253 19.35 -2.85 15.70
N ASP C 254 18.09 -2.58 16.04
CA ASP C 254 16.96 -3.20 15.35
C ASP C 254 17.00 -2.84 13.86
N ILE C 255 17.34 -1.58 13.56
CA ILE C 255 17.44 -1.10 12.18
C ILE C 255 18.72 -1.58 11.52
N ALA C 256 19.85 -1.48 12.25
CA ALA C 256 21.15 -1.90 11.71
C ALA C 256 21.17 -3.33 11.21
N ARG C 257 20.49 -4.22 11.92
CA ARG C 257 20.41 -5.64 11.55
C ARG C 257 19.72 -5.83 10.20
N VAL C 258 18.60 -5.13 9.99
CA VAL C 258 17.87 -5.23 8.74
C VAL C 258 18.72 -4.64 7.59
N VAL C 259 19.47 -3.57 7.88
CA VAL C 259 20.35 -2.94 6.89
C VAL C 259 21.43 -3.93 6.44
N CYS C 260 21.99 -4.67 7.40
CA CYS C 260 23.03 -5.65 7.09
C CYS C 260 22.48 -6.76 6.22
N PHE C 261 21.24 -7.19 6.49
CA PHE C 261 20.60 -8.21 5.69
C PHE C 261 20.45 -7.70 4.24
N LEU C 262 19.87 -6.51 4.09
CA LEU C 262 19.68 -5.93 2.75
C LEU C 262 21.01 -5.76 2.02
N ALA C 263 22.05 -5.41 2.77
CA ALA C 263 23.37 -5.18 2.19
C ALA C 263 24.09 -6.47 1.77
N SER C 264 23.64 -7.61 2.31
CA SER C 264 24.24 -8.91 2.02
C SER C 264 23.65 -9.59 0.79
N ASN C 265 24.22 -10.74 0.43
CA ASN C 265 23.72 -11.52 -0.70
C ASN C 265 22.29 -12.00 -0.44
N ASP C 266 21.92 -12.14 0.84
CA ASP C 266 20.57 -12.56 1.21
C ASP C 266 19.49 -11.59 0.69
N GLY C 267 19.87 -10.34 0.49
CA GLY C 267 18.91 -9.36 0.01
C GLY C 267 18.93 -9.20 -1.50
N GLY C 268 19.63 -10.11 -2.19
CA GLY C 268 19.76 -10.06 -3.64
C GLY C 268 18.50 -9.93 -4.49
N TRP C 269 17.41 -10.58 -4.08
CA TRP C 269 16.18 -10.51 -4.85
C TRP C 269 15.18 -9.50 -4.26
N VAL C 270 15.64 -8.75 -3.26
CA VAL C 270 14.82 -7.71 -2.63
C VAL C 270 15.30 -6.37 -3.20
N THR C 271 14.49 -5.77 -4.07
CA THR C 271 14.81 -4.48 -4.63
C THR C 271 13.54 -3.70 -4.93
N GLY C 272 13.65 -2.37 -4.77
CA GLY C 272 12.53 -1.45 -4.98
C GLY C 272 11.47 -1.59 -3.90
N LYS C 273 11.86 -2.11 -2.73
CA LYS C 273 10.93 -2.34 -1.63
C LYS C 273 11.05 -1.40 -0.42
N VAL C 274 9.95 -1.30 0.31
CA VAL C 274 9.88 -0.53 1.55
C VAL C 274 9.80 -1.58 2.65
N ILE C 275 10.78 -1.58 3.54
CA ILE C 275 10.84 -2.54 4.65
C ILE C 275 10.54 -1.82 5.97
N GLY C 276 9.35 -2.08 6.52
CA GLY C 276 8.96 -1.46 7.78
C GLY C 276 9.62 -2.15 8.96
N ILE C 277 10.22 -1.37 9.86
CA ILE C 277 10.91 -1.94 11.02
C ILE C 277 10.43 -1.12 12.20
N ASP C 278 9.28 -1.52 12.73
CA ASP C 278 8.65 -0.75 13.79
C ASP C 278 7.99 -1.62 14.85
N GLY C 279 8.37 -2.90 14.90
CA GLY C 279 7.79 -3.80 15.89
C GLY C 279 6.27 -3.95 15.78
N GLY C 280 5.74 -3.70 14.58
CA GLY C 280 4.30 -3.80 14.35
C GLY C 280 3.49 -2.57 14.75
N ALA C 281 4.11 -1.38 14.73
CA ALA C 281 3.44 -0.14 15.11
C ALA C 281 2.30 0.31 14.20
N CYS C 282 1.34 1.03 14.79
CA CYS C 282 0.22 1.59 14.04
C CYS C 282 0.23 3.06 14.42
N MET C 283 0.64 3.91 13.48
CA MET C 283 0.72 5.34 13.73
C MET C 283 0.03 6.18 12.67
N ALA D 3 8.81 21.78 30.66
CA ALA D 3 9.96 21.21 29.95
C ALA D 3 10.65 20.12 30.78
N VAL D 4 10.89 18.98 30.15
CA VAL D 4 11.56 17.85 30.81
C VAL D 4 12.99 17.94 30.30
N THR D 5 13.86 18.49 31.15
CA THR D 5 15.25 18.74 30.78
C THR D 5 16.26 17.60 30.97
N GLN D 6 15.86 16.53 31.65
CA GLN D 6 16.76 15.39 31.87
C GLN D 6 17.31 14.87 30.55
N PRO D 7 18.63 14.74 30.44
CA PRO D 7 19.25 14.23 29.21
C PRO D 7 18.89 12.75 29.05
N ARG D 8 19.04 12.22 27.84
CA ARG D 8 18.76 10.82 27.56
C ARG D 8 19.46 9.97 28.57
N GLY D 9 18.86 8.83 28.89
CA GLY D 9 19.47 7.94 29.86
C GLY D 9 19.22 6.49 29.48
N GLU D 10 20.12 5.63 29.93
CA GLU D 10 19.95 4.22 29.65
C GLU D 10 18.99 3.69 30.71
N SER D 11 17.91 3.07 30.23
CA SER D 11 16.87 2.51 31.07
C SER D 11 16.71 1.02 30.76
N LYS D 12 15.66 0.41 31.29
CA LYS D 12 15.41 -1.00 31.04
C LYS D 12 15.12 -1.26 29.55
N TYR D 13 14.59 -0.24 28.87
CA TYR D 13 14.27 -0.36 27.45
C TYR D 13 15.49 -0.25 26.57
N ASP D 14 16.66 -0.05 27.18
CA ASP D 14 17.91 0.01 26.43
C ASP D 14 18.60 -1.34 26.24
N ALA D 15 18.04 -2.39 26.84
CA ALA D 15 18.58 -3.75 26.73
C ALA D 15 18.59 -4.24 25.27
N ILE D 16 19.75 -4.67 24.79
CA ILE D 16 19.91 -5.16 23.42
C ILE D 16 19.34 -6.58 23.28
N PRO D 17 18.39 -6.76 22.34
CA PRO D 17 17.78 -8.07 22.13
C PRO D 17 18.73 -8.93 21.30
N GLY D 18 19.28 -9.97 21.91
CA GLY D 18 20.18 -10.84 21.19
C GLY D 18 21.60 -10.30 21.03
N PRO D 19 22.49 -11.05 20.36
CA PRO D 19 23.88 -10.62 20.18
C PRO D 19 24.14 -9.56 19.11
N LEU D 20 25.18 -8.77 19.35
CA LEU D 20 25.63 -7.75 18.40
C LEU D 20 26.52 -8.52 17.41
N GLY D 21 26.62 -8.03 16.18
CA GLY D 21 27.45 -8.72 15.21
C GLY D 21 26.75 -9.82 14.43
N PRO D 22 27.50 -10.53 13.58
CA PRO D 22 27.03 -11.62 12.71
C PRO D 22 26.28 -12.80 13.35
N GLN D 23 26.50 -13.05 14.64
CA GLN D 23 25.81 -14.13 15.35
C GLN D 23 24.28 -13.93 15.35
N SER D 24 23.86 -12.69 15.13
CA SER D 24 22.45 -12.33 15.10
C SER D 24 21.74 -12.98 13.90
N ALA D 25 22.52 -13.36 12.89
CA ALA D 25 21.95 -14.01 11.70
C ALA D 25 21.92 -15.55 11.82
N SER D 26 22.53 -16.07 12.89
CA SER D 26 22.62 -17.51 13.12
C SER D 26 21.31 -18.24 13.47
N LEU D 27 21.15 -19.44 12.91
CA LEU D 27 19.97 -20.26 13.19
C LEU D 27 20.43 -21.56 13.86
N GLU D 28 21.68 -21.60 14.28
CA GLU D 28 22.23 -22.76 14.94
C GLU D 28 21.40 -23.17 16.17
N GLY D 29 21.06 -24.46 16.24
CA GLY D 29 20.30 -24.97 17.36
C GLY D 29 18.79 -24.81 17.29
N LYS D 30 18.31 -24.15 16.23
CA LYS D 30 16.87 -23.94 16.07
C LYS D 30 16.18 -25.12 15.37
N VAL D 31 14.87 -25.22 15.54
CA VAL D 31 14.08 -26.26 14.90
C VAL D 31 13.00 -25.57 14.05
N ALA D 32 12.92 -25.95 12.79
CA ALA D 32 11.95 -25.37 11.88
C ALA D 32 11.04 -26.43 11.25
N LEU D 33 9.79 -26.05 11.03
CA LEU D 33 8.82 -26.92 10.37
C LEU D 33 8.43 -26.15 9.11
N VAL D 34 8.50 -26.81 7.96
CA VAL D 34 8.12 -26.20 6.69
C VAL D 34 7.02 -27.05 6.05
N THR D 35 5.88 -26.44 5.72
CA THR D 35 4.81 -27.19 5.07
C THR D 35 5.12 -27.29 3.56
N GLY D 36 4.91 -28.47 2.98
CA GLY D 36 5.14 -28.68 1.57
C GLY D 36 6.61 -28.54 1.22
N ALA D 37 7.45 -29.14 2.05
CA ALA D 37 8.91 -29.08 1.88
C ALA D 37 9.56 -30.19 1.03
N GLY D 38 8.73 -31.06 0.42
CA GLY D 38 9.26 -32.12 -0.42
C GLY D 38 9.76 -31.61 -1.76
N ARG D 39 9.26 -30.46 -2.20
CA ARG D 39 9.68 -29.87 -3.47
C ARG D 39 9.44 -28.35 -3.53
N GLY D 40 9.88 -27.75 -4.63
CA GLY D 40 9.72 -26.31 -4.84
C GLY D 40 10.37 -25.39 -3.83
N ILE D 41 9.71 -24.26 -3.58
CA ILE D 41 10.22 -23.25 -2.64
C ILE D 41 10.35 -23.84 -1.24
N GLY D 42 9.37 -24.65 -0.84
CA GLY D 42 9.40 -25.27 0.47
C GLY D 42 10.65 -26.13 0.63
N ARG D 43 10.98 -26.90 -0.42
CA ARG D 43 12.17 -27.74 -0.40
C ARG D 43 13.42 -26.89 -0.12
N GLU D 44 13.57 -25.79 -0.85
CA GLU D 44 14.72 -24.92 -0.67
C GLU D 44 14.74 -24.23 0.70
N MET D 45 13.58 -23.90 1.25
CA MET D 45 13.53 -23.30 2.59
C MET D 45 14.17 -24.30 3.55
N ALA D 46 13.71 -25.55 3.49
CA ALA D 46 14.22 -26.64 4.34
C ALA D 46 15.73 -26.81 4.17
N MET D 47 16.18 -26.87 2.91
CA MET D 47 17.61 -27.04 2.61
C MET D 47 18.44 -25.92 3.23
N GLU D 48 18.10 -24.68 2.92
CA GLU D 48 18.83 -23.51 3.42
C GLU D 48 18.75 -23.35 4.95
N LEU D 49 17.58 -23.60 5.53
CA LEU D 49 17.43 -23.53 6.99
C LEU D 49 18.38 -24.58 7.59
N GLY D 50 18.45 -25.74 6.94
CA GLY D 50 19.32 -26.83 7.37
C GLY D 50 20.79 -26.43 7.31
N ARG D 51 21.19 -25.78 6.21
CA ARG D 51 22.58 -25.32 6.01
C ARG D 51 23.00 -24.33 7.09
N ARG D 52 22.04 -23.56 7.58
CA ARG D 52 22.31 -22.55 8.60
C ARG D 52 22.20 -23.05 10.05
N GLY D 53 22.11 -24.37 10.21
CA GLY D 53 22.05 -24.95 11.54
C GLY D 53 20.73 -25.47 12.09
N CYS D 54 19.62 -25.27 11.39
CA CYS D 54 18.33 -25.79 11.86
C CYS D 54 18.13 -27.27 11.66
N LYS D 55 17.38 -27.88 12.59
CA LYS D 55 16.95 -29.27 12.48
C LYS D 55 15.60 -29.01 11.79
N VAL D 56 15.28 -29.77 10.76
CA VAL D 56 14.06 -29.51 10.00
C VAL D 56 13.01 -30.61 9.91
N ILE D 57 11.74 -30.20 10.09
CA ILE D 57 10.60 -31.10 9.96
C ILE D 57 10.06 -30.81 8.55
N VAL D 58 10.23 -31.78 7.67
CA VAL D 58 9.81 -31.70 6.29
C VAL D 58 8.39 -32.26 6.10
N ASN D 59 7.40 -31.36 6.03
CA ASN D 59 6.02 -31.80 5.81
C ASN D 59 5.76 -31.99 4.31
N TYR D 60 4.89 -32.94 4.00
CA TYR D 60 4.50 -33.24 2.62
C TYR D 60 3.09 -33.84 2.70
N ALA D 61 2.37 -33.79 1.59
CA ALA D 61 1.03 -34.33 1.53
C ALA D 61 0.99 -35.56 0.60
N ASN D 62 1.75 -35.49 -0.49
CA ASN D 62 1.77 -36.54 -1.50
C ASN D 62 3.17 -36.98 -1.92
N SER D 63 4.07 -36.03 -2.07
CA SER D 63 5.44 -36.30 -2.49
C SER D 63 6.32 -37.01 -1.46
N THR D 64 5.94 -38.25 -1.15
CA THR D 64 6.67 -39.06 -0.16
C THR D 64 8.14 -39.25 -0.46
N GLU D 65 8.45 -39.69 -1.68
CA GLU D 65 9.83 -39.94 -2.05
C GLU D 65 10.70 -38.69 -2.05
N SER D 66 10.16 -37.59 -2.60
CA SER D 66 10.89 -36.33 -2.63
C SER D 66 11.14 -35.83 -1.21
N ALA D 67 10.17 -36.05 -0.32
CA ALA D 67 10.28 -35.64 1.07
C ALA D 67 11.39 -36.43 1.77
N GLU D 68 11.50 -37.71 1.46
CA GLU D 68 12.54 -38.53 2.05
C GLU D 68 13.91 -38.08 1.51
N GLU D 69 13.94 -37.66 0.25
CA GLU D 69 15.17 -37.18 -0.36
C GLU D 69 15.65 -35.90 0.32
N VAL D 70 14.72 -35.00 0.62
CA VAL D 70 15.06 -33.74 1.29
C VAL D 70 15.65 -33.99 2.69
N VAL D 71 15.01 -34.88 3.45
CA VAL D 71 15.46 -35.24 4.80
C VAL D 71 16.89 -35.78 4.74
N ALA D 72 17.14 -36.67 3.79
CA ALA D 72 18.47 -37.28 3.61
C ALA D 72 19.53 -36.26 3.23
N ALA D 73 19.16 -35.31 2.39
CA ALA D 73 20.08 -34.26 1.96
C ALA D 73 20.46 -33.32 3.11
N ILE D 74 19.48 -33.00 3.96
CA ILE D 74 19.70 -32.12 5.10
C ILE D 74 20.63 -32.81 6.10
N LYS D 75 20.41 -34.11 6.31
CA LYS D 75 21.25 -34.90 7.21
C LYS D 75 22.67 -34.97 6.64
N LYS D 76 22.76 -35.17 5.34
CA LYS D 76 24.05 -35.24 4.66
C LYS D 76 24.81 -33.93 4.82
N ASN D 77 24.08 -32.81 4.73
CA ASN D 77 24.68 -31.49 4.86
C ASN D 77 25.15 -31.15 6.26
N GLY D 78 24.74 -31.96 7.26
CA GLY D 78 25.18 -31.70 8.62
C GLY D 78 24.13 -31.41 9.66
N SER D 79 22.85 -31.43 9.29
CA SER D 79 21.77 -31.16 10.26
C SER D 79 20.84 -32.36 10.33
N ASP D 80 19.99 -32.37 11.35
CA ASP D 80 19.04 -33.46 11.51
C ASP D 80 17.73 -33.02 10.89
N ALA D 81 16.96 -33.98 10.37
CA ALA D 81 15.67 -33.70 9.77
C ALA D 81 14.77 -34.93 9.86
N ALA D 82 13.48 -34.74 9.61
CA ALA D 82 12.48 -35.81 9.64
C ALA D 82 11.28 -35.34 8.84
N CYS D 83 10.58 -36.25 8.20
CA CYS D 83 9.40 -35.85 7.45
C CYS D 83 8.12 -36.23 8.17
N VAL D 84 7.06 -35.46 7.91
CA VAL D 84 5.76 -35.68 8.53
C VAL D 84 4.69 -35.46 7.46
N LYS D 85 3.87 -36.48 7.25
CA LYS D 85 2.80 -36.37 6.28
C LYS D 85 1.56 -35.73 6.87
N ALA D 86 1.03 -34.74 6.16
CA ALA D 86 -0.16 -34.03 6.60
C ALA D 86 -0.69 -33.17 5.46
N ASN D 87 -2.00 -33.17 5.33
CA ASN D 87 -2.71 -32.41 4.33
C ASN D 87 -3.30 -31.17 5.03
N VAL D 88 -2.88 -29.99 4.59
CA VAL D 88 -3.34 -28.72 5.17
C VAL D 88 -4.80 -28.39 4.91
N GLY D 89 -5.46 -29.16 4.05
CA GLY D 89 -6.88 -28.96 3.80
C GLY D 89 -7.72 -29.67 4.86
N VAL D 90 -7.05 -30.35 5.80
CA VAL D 90 -7.69 -31.09 6.88
C VAL D 90 -7.10 -30.60 8.22
N VAL D 91 -7.90 -29.86 8.97
CA VAL D 91 -7.44 -29.30 10.23
C VAL D 91 -6.90 -30.35 11.21
N GLU D 92 -7.54 -31.51 11.25
CA GLU D 92 -7.13 -32.61 12.14
C GLU D 92 -5.71 -33.05 11.79
N ASP D 93 -5.38 -33.02 10.50
CA ASP D 93 -4.03 -33.38 10.01
C ASP D 93 -3.00 -32.37 10.51
N ILE D 94 -3.36 -31.09 10.44
CA ILE D 94 -2.47 -30.02 10.90
C ILE D 94 -2.21 -30.18 12.40
N VAL D 95 -3.26 -30.44 13.18
CA VAL D 95 -3.14 -30.62 14.64
C VAL D 95 -2.17 -31.78 14.95
N ARG D 96 -2.41 -32.91 14.31
CA ARG D 96 -1.58 -34.10 14.49
C ARG D 96 -0.12 -33.85 14.07
N MET D 97 0.08 -33.16 12.94
CA MET D 97 1.42 -32.84 12.43
C MET D 97 2.26 -32.10 13.47
N PHE D 98 1.66 -31.07 14.07
CA PHE D 98 2.35 -30.30 15.10
C PHE D 98 2.64 -31.10 16.37
N GLU D 99 1.71 -31.97 16.77
CA GLU D 99 1.95 -32.80 17.95
C GLU D 99 3.12 -33.77 17.73
N GLU D 100 3.20 -34.35 16.53
CA GLU D 100 4.30 -35.26 16.19
C GLU D 100 5.59 -34.48 16.09
N ALA D 101 5.52 -33.31 15.46
CA ALA D 101 6.67 -32.43 15.25
C ALA D 101 7.43 -32.07 16.53
N VAL D 102 6.72 -31.56 17.53
CA VAL D 102 7.39 -31.21 18.78
C VAL D 102 8.01 -32.41 19.49
N LYS D 103 7.44 -33.60 19.29
CA LYS D 103 7.99 -34.81 19.90
C LYS D 103 9.35 -35.16 19.29
N ILE D 104 9.48 -34.91 17.98
CA ILE D 104 10.70 -35.23 17.25
C ILE D 104 11.97 -34.55 17.76
N PHE D 105 11.98 -33.23 17.84
CA PHE D 105 13.17 -32.52 18.32
C PHE D 105 13.02 -31.81 19.67
N GLY D 106 11.83 -31.87 20.27
CA GLY D 106 11.62 -31.27 21.58
C GLY D 106 11.11 -29.84 21.64
N LYS D 107 11.17 -29.15 20.50
CA LYS D 107 10.70 -27.77 20.42
C LYS D 107 10.51 -27.38 18.96
N LEU D 108 9.91 -26.21 18.78
CA LEU D 108 9.66 -25.64 17.45
C LEU D 108 9.95 -24.15 17.58
N ASP D 109 10.90 -23.67 16.79
CA ASP D 109 11.27 -22.27 16.83
C ASP D 109 10.74 -21.49 15.65
N ILE D 110 10.67 -22.17 14.51
CA ILE D 110 10.29 -21.57 13.23
C ILE D 110 9.27 -22.38 12.44
N VAL D 111 8.24 -21.69 11.95
CA VAL D 111 7.23 -22.34 11.13
C VAL D 111 7.07 -21.56 9.83
N CYS D 112 7.30 -22.26 8.72
CA CYS D 112 7.17 -21.67 7.40
C CYS D 112 5.94 -22.30 6.75
N SER D 113 4.87 -21.52 6.65
CA SER D 113 3.62 -21.97 6.03
C SER D 113 3.80 -21.71 4.54
N ASN D 114 4.17 -22.76 3.81
CA ASN D 114 4.47 -22.68 2.38
C ASN D 114 3.53 -23.38 1.38
N SER D 115 2.97 -24.52 1.77
CA SER D 115 2.07 -25.28 0.91
C SER D 115 1.03 -24.43 0.18
N GLY D 116 0.88 -24.68 -1.12
CA GLY D 116 -0.10 -23.96 -1.90
C GLY D 116 -0.33 -24.56 -3.27
N VAL D 117 -1.42 -24.12 -3.90
CA VAL D 117 -1.80 -24.55 -5.25
C VAL D 117 -2.19 -23.30 -6.04
N VAL D 118 -2.03 -23.36 -7.35
CA VAL D 118 -2.35 -22.25 -8.22
C VAL D 118 -3.57 -22.60 -9.12
N SER D 119 -4.25 -21.56 -9.60
CA SER D 119 -5.43 -21.71 -10.43
C SER D 119 -5.63 -20.49 -11.31
N PHE D 120 -6.17 -20.72 -12.51
CA PHE D 120 -6.49 -19.66 -13.47
C PHE D 120 -7.88 -19.92 -14.03
N GLY D 121 -8.61 -18.84 -14.27
CA GLY D 121 -9.93 -18.95 -14.83
C GLY D 121 -10.64 -17.61 -14.78
N HIS D 122 -11.33 -17.25 -15.86
CA HIS D 122 -12.09 -16.00 -15.92
C HIS D 122 -13.15 -16.13 -14.82
N VAL D 123 -13.38 -15.05 -14.09
CA VAL D 123 -14.35 -15.05 -13.00
C VAL D 123 -15.71 -15.72 -13.37
N LYS D 124 -16.12 -15.54 -14.62
CA LYS D 124 -17.38 -16.10 -15.11
C LYS D 124 -17.44 -17.61 -15.15
N ASP D 125 -16.28 -18.25 -15.23
CA ASP D 125 -16.18 -19.71 -15.29
C ASP D 125 -15.82 -20.42 -13.99
N VAL D 126 -15.53 -19.67 -12.94
CA VAL D 126 -15.14 -20.26 -11.67
C VAL D 126 -16.30 -20.97 -10.95
N THR D 127 -16.07 -22.23 -10.59
CA THR D 127 -17.07 -23.01 -9.88
C THR D 127 -16.84 -22.94 -8.37
N PRO D 128 -17.87 -23.26 -7.56
CA PRO D 128 -17.72 -23.24 -6.11
C PRO D 128 -16.66 -24.26 -5.70
N GLU D 129 -16.60 -25.39 -6.41
CA GLU D 129 -15.61 -26.41 -6.07
C GLU D 129 -14.18 -25.93 -6.28
N GLU D 130 -13.96 -25.19 -7.36
CA GLU D 130 -12.62 -24.66 -7.64
C GLU D 130 -12.26 -23.59 -6.61
N PHE D 131 -13.19 -22.69 -6.34
CA PHE D 131 -12.96 -21.63 -5.34
C PHE D 131 -12.57 -22.25 -3.99
N ASP D 132 -13.36 -23.23 -3.57
CA ASP D 132 -13.13 -23.93 -2.31
C ASP D 132 -11.82 -24.68 -2.27
N ARG D 133 -11.47 -25.34 -3.37
CA ARG D 133 -10.23 -26.12 -3.53
C ARG D 133 -9.02 -25.22 -3.22
N VAL D 134 -9.02 -24.04 -3.84
CA VAL D 134 -7.93 -23.09 -3.67
C VAL D 134 -7.91 -22.40 -2.29
N PHE D 135 -9.05 -21.91 -1.82
CA PHE D 135 -9.09 -21.26 -0.51
C PHE D 135 -8.83 -22.21 0.66
N THR D 136 -9.26 -23.46 0.53
CA THR D 136 -9.06 -24.43 1.60
C THR D 136 -7.60 -24.71 1.88
N ILE D 137 -6.79 -24.66 0.82
CA ILE D 137 -5.35 -24.90 0.98
C ILE D 137 -4.58 -23.60 1.24
N ASN D 138 -4.73 -22.64 0.33
CA ASN D 138 -4.00 -21.36 0.40
C ASN D 138 -4.32 -20.37 1.51
N THR D 139 -5.55 -20.38 1.99
CA THR D 139 -5.98 -19.40 2.99
C THR D 139 -6.35 -20.05 4.32
N ARG D 140 -7.37 -20.91 4.28
CA ARG D 140 -7.83 -21.64 5.46
C ARG D 140 -6.70 -22.52 5.99
N GLY D 141 -6.03 -23.22 5.07
CA GLY D 141 -4.93 -24.10 5.43
C GLY D 141 -3.83 -23.34 6.14
N GLN D 142 -3.41 -22.21 5.58
CA GLN D 142 -2.39 -21.40 6.21
C GLN D 142 -2.88 -20.84 7.55
N PHE D 143 -4.17 -20.51 7.64
CA PHE D 143 -4.70 -19.99 8.89
C PHE D 143 -4.56 -21.00 10.02
N PHE D 144 -4.94 -22.25 9.77
CA PHE D 144 -4.84 -23.25 10.83
C PHE D 144 -3.42 -23.74 11.12
N VAL D 145 -2.54 -23.64 10.11
CA VAL D 145 -1.14 -23.97 10.34
C VAL D 145 -0.64 -22.89 11.32
N ALA D 146 -1.06 -21.65 11.10
CA ALA D 146 -0.70 -20.50 11.96
C ALA D 146 -1.21 -20.69 13.39
N ARG D 147 -2.47 -21.13 13.50
CA ARG D 147 -3.09 -21.38 14.82
C ARG D 147 -2.28 -22.36 15.63
N GLU D 148 -1.99 -23.51 15.03
CA GLU D 148 -1.22 -24.56 15.69
C GLU D 148 0.21 -24.12 15.94
N ALA D 149 0.76 -23.31 15.04
CA ALA D 149 2.12 -22.82 15.20
C ALA D 149 2.17 -21.98 16.48
N TYR D 150 1.19 -21.10 16.65
CA TYR D 150 1.14 -20.25 17.84
C TYR D 150 1.19 -21.07 19.10
N LYS D 151 0.37 -22.13 19.15
CA LYS D 151 0.30 -23.02 20.32
C LYS D 151 1.60 -23.75 20.65
N HIS D 152 2.33 -24.18 19.62
CA HIS D 152 3.58 -24.95 19.83
C HIS D 152 4.89 -24.21 19.79
N LEU D 153 4.90 -23.01 19.21
CA LEU D 153 6.14 -22.23 19.08
C LEU D 153 6.75 -21.77 20.40
N GLU D 154 8.08 -21.74 20.44
CA GLU D 154 8.81 -21.26 21.61
C GLU D 154 8.51 -19.77 21.76
N ILE D 155 8.59 -19.27 22.98
CA ILE D 155 8.42 -17.82 23.23
C ILE D 155 9.58 -17.20 22.44
N GLY D 156 9.29 -16.18 21.62
CA GLY D 156 10.30 -15.55 20.81
C GLY D 156 10.42 -16.20 19.45
N GLY D 157 9.45 -17.07 19.13
CA GLY D 157 9.42 -17.80 17.87
C GLY D 157 9.19 -17.00 16.60
N ARG D 158 9.00 -17.72 15.49
CA ARG D 158 8.83 -17.12 14.17
C ARG D 158 7.81 -17.84 13.30
N LEU D 159 6.90 -17.07 12.70
CA LEU D 159 5.88 -17.59 11.81
C LEU D 159 5.98 -16.81 10.49
N ILE D 160 6.28 -17.54 9.41
CA ILE D 160 6.42 -16.94 8.09
C ILE D 160 5.40 -17.54 7.14
N LEU D 161 4.50 -16.69 6.65
CA LEU D 161 3.43 -17.10 5.75
C LEU D 161 3.82 -16.86 4.28
N MET D 162 3.21 -17.64 3.39
CA MET D 162 3.49 -17.54 1.97
C MET D 162 2.39 -16.84 1.18
N GLY D 163 2.70 -15.62 0.76
CA GLY D 163 1.79 -14.84 -0.05
C GLY D 163 2.26 -14.94 -1.49
N SER D 164 2.12 -13.86 -2.25
CA SER D 164 2.53 -13.84 -3.65
C SER D 164 2.40 -12.41 -4.16
N ILE D 165 3.14 -12.09 -5.21
CA ILE D 165 3.04 -10.77 -5.84
C ILE D 165 1.58 -10.56 -6.34
N THR D 166 0.85 -11.67 -6.57
CA THR D 166 -0.54 -11.61 -7.04
C THR D 166 -1.50 -10.97 -6.03
N GLY D 167 -1.10 -10.92 -4.76
CA GLY D 167 -1.92 -10.30 -3.74
C GLY D 167 -2.17 -8.83 -4.06
N GLN D 168 -1.20 -8.19 -4.72
CA GLN D 168 -1.28 -6.79 -5.10
C GLN D 168 -1.21 -6.51 -6.61
N ALA D 169 -0.91 -7.55 -7.40
CA ALA D 169 -0.79 -7.42 -8.86
C ALA D 169 -2.01 -6.81 -9.57
N LYS D 170 -1.75 -6.02 -10.61
CA LYS D 170 -2.83 -5.33 -11.30
C LYS D 170 -3.08 -5.70 -12.75
N ALA D 171 -2.27 -6.58 -13.31
CA ALA D 171 -2.44 -6.92 -14.72
C ALA D 171 -2.51 -8.40 -15.09
N VAL D 172 -2.69 -9.27 -14.10
CA VAL D 172 -2.81 -10.69 -14.41
C VAL D 172 -4.29 -11.04 -14.61
N PRO D 173 -4.70 -11.35 -15.85
CA PRO D 173 -6.11 -11.69 -16.09
C PRO D 173 -6.47 -13.12 -15.67
N LYS D 174 -7.76 -13.35 -15.43
CA LYS D 174 -8.29 -14.68 -15.07
C LYS D 174 -7.56 -15.27 -13.85
N HIS D 175 -7.40 -14.47 -12.81
CA HIS D 175 -6.64 -14.92 -11.64
C HIS D 175 -7.25 -14.52 -10.29
N ALA D 176 -8.56 -14.31 -10.25
CA ALA D 176 -9.08 -13.62 -9.00
C ALA D 176 -9.05 -14.60 -7.82
N VAL D 177 -9.32 -15.87 -8.08
CA VAL D 177 -9.34 -16.85 -7.02
C VAL D 177 -7.99 -17.02 -6.32
N TYR D 178 -6.97 -17.37 -7.09
CA TYR D 178 -5.63 -17.56 -6.53
C TYR D 178 -5.13 -16.26 -5.89
N SER D 179 -5.25 -15.15 -6.62
CA SER D 179 -4.77 -13.87 -6.13
C SER D 179 -5.46 -13.49 -4.81
N GLY D 180 -6.78 -13.66 -4.73
CA GLY D 180 -7.50 -13.35 -3.51
C GLY D 180 -7.08 -14.22 -2.32
N SER D 181 -6.82 -15.52 -2.59
CA SER D 181 -6.39 -16.44 -1.54
C SER D 181 -5.05 -16.00 -0.94
N LYS D 182 -4.20 -15.38 -1.76
CA LYS D 182 -2.90 -14.90 -1.32
C LYS D 182 -3.00 -13.52 -0.66
N GLY D 183 -3.90 -12.68 -1.20
CA GLY D 183 -4.12 -11.34 -0.66
C GLY D 183 -4.58 -11.38 0.79
N ALA D 184 -5.41 -12.36 1.12
CA ALA D 184 -5.92 -12.53 2.47
C ALA D 184 -4.77 -12.76 3.46
N ILE D 185 -3.69 -13.38 2.99
CA ILE D 185 -2.53 -13.68 3.84
C ILE D 185 -1.83 -12.43 4.38
N GLU D 186 -1.81 -11.36 3.58
CA GLU D 186 -1.19 -10.10 3.97
C GLU D 186 -1.97 -9.51 5.17
N THR D 187 -3.29 -9.60 5.12
CA THR D 187 -4.10 -9.12 6.25
C THR D 187 -3.84 -10.00 7.47
N PHE D 188 -3.77 -11.32 7.28
CA PHE D 188 -3.51 -12.27 8.37
C PHE D 188 -2.21 -11.89 9.07
N ALA D 189 -1.18 -11.55 8.30
CA ALA D 189 0.13 -11.18 8.87
C ALA D 189 0.00 -10.01 9.83
N ARG D 190 -0.73 -8.97 9.43
CA ARG D 190 -0.91 -7.80 10.28
C ARG D 190 -1.67 -8.13 11.58
N CYS D 191 -2.76 -8.88 11.42
CA CYS D 191 -3.61 -9.24 12.55
C CYS D 191 -3.03 -10.28 13.49
N MET D 192 -2.36 -11.28 12.92
CA MET D 192 -1.75 -12.34 13.71
C MET D 192 -0.52 -11.82 14.45
N ALA D 193 0.16 -10.83 13.88
CA ALA D 193 1.34 -10.25 14.50
C ALA D 193 0.96 -9.65 15.87
N ILE D 194 -0.26 -9.11 15.95
CA ILE D 194 -0.75 -8.53 17.21
C ILE D 194 -0.98 -9.65 18.22
N ASP D 195 -1.86 -10.60 17.91
CA ASP D 195 -2.17 -11.70 18.84
C ASP D 195 -0.97 -12.53 19.29
N MET D 196 -0.15 -12.94 18.32
CA MET D 196 1.01 -13.78 18.56
C MET D 196 2.15 -13.11 19.30
N ALA D 197 2.12 -11.77 19.36
CA ALA D 197 3.14 -11.02 20.08
C ALA D 197 3.07 -11.33 21.59
N ASP D 198 1.94 -11.90 22.05
CA ASP D 198 1.85 -12.21 23.47
C ASP D 198 2.79 -13.36 23.88
N LYS D 199 3.39 -14.01 22.87
CA LYS D 199 4.39 -15.06 23.07
C LYS D 199 5.70 -14.62 22.37
N LYS D 200 5.80 -13.32 22.10
CA LYS D 200 6.95 -12.70 21.44
C LYS D 200 7.30 -13.34 20.07
N ILE D 201 6.28 -13.77 19.36
CA ILE D 201 6.45 -14.39 18.05
C ILE D 201 6.21 -13.32 16.98
N THR D 202 7.09 -13.26 15.99
CA THR D 202 6.89 -12.32 14.89
C THR D 202 6.15 -13.08 13.78
N VAL D 203 5.30 -12.37 13.06
CA VAL D 203 4.54 -12.97 11.98
C VAL D 203 4.66 -12.09 10.76
N ASN D 204 5.18 -12.65 9.68
CA ASN D 204 5.36 -11.91 8.44
C ASN D 204 4.96 -12.76 7.25
N VAL D 205 4.77 -12.13 6.10
CA VAL D 205 4.47 -12.88 4.88
C VAL D 205 5.45 -12.52 3.79
N VAL D 206 6.00 -13.54 3.13
CA VAL D 206 6.90 -13.31 2.00
C VAL D 206 6.02 -13.34 0.74
N ALA D 207 6.26 -12.42 -0.17
CA ALA D 207 5.47 -12.32 -1.40
C ALA D 207 6.39 -12.46 -2.61
N PRO D 208 6.64 -13.70 -3.06
CA PRO D 208 7.52 -13.90 -4.21
C PRO D 208 6.89 -13.51 -5.55
N GLY D 209 7.76 -13.18 -6.51
CA GLY D 209 7.30 -12.96 -7.88
C GLY D 209 7.45 -14.37 -8.46
N GLY D 210 7.49 -14.52 -9.79
CA GLY D 210 7.68 -15.85 -10.37
C GLY D 210 9.01 -16.47 -9.95
N ILE D 211 8.97 -17.74 -9.51
CA ILE D 211 10.17 -18.48 -9.05
C ILE D 211 10.20 -19.84 -9.77
N LYS D 212 11.33 -20.21 -10.38
CA LYS D 212 11.40 -21.50 -11.09
C LYS D 212 11.19 -22.75 -10.23
N THR D 213 10.01 -23.34 -10.36
CA THR D 213 9.62 -24.56 -9.62
C THR D 213 8.68 -25.33 -10.53
N ASP D 214 8.08 -26.41 -10.02
CA ASP D 214 7.13 -27.22 -10.77
C ASP D 214 5.91 -26.36 -11.07
N MET D 215 5.53 -25.52 -10.12
CA MET D 215 4.38 -24.64 -10.30
C MET D 215 4.62 -23.63 -11.42
N TYR D 216 5.79 -22.98 -11.40
CA TYR D 216 6.15 -21.99 -12.43
C TYR D 216 6.14 -22.68 -13.79
N HIS D 217 6.66 -23.90 -13.82
CA HIS D 217 6.73 -24.68 -15.03
C HIS D 217 5.34 -24.94 -15.60
N ALA D 218 4.40 -25.26 -14.72
CA ALA D 218 3.04 -25.56 -15.10
C ALA D 218 2.21 -24.39 -15.62
N VAL D 219 2.37 -23.21 -15.02
CA VAL D 219 1.54 -22.08 -15.38
C VAL D 219 2.19 -20.75 -15.74
N CYS D 220 3.52 -20.68 -15.81
CA CYS D 220 4.15 -19.39 -16.14
C CYS D 220 3.58 -18.74 -17.40
N ARG D 221 3.29 -19.55 -18.41
CA ARG D 221 2.73 -19.05 -19.68
C ARG D 221 1.40 -18.32 -19.52
N GLU D 222 0.68 -18.65 -18.45
CA GLU D 222 -0.62 -18.02 -18.15
C GLU D 222 -0.47 -16.54 -17.76
N TYR D 223 0.73 -16.17 -17.32
CA TYR D 223 1.05 -14.79 -16.93
C TYR D 223 1.62 -14.00 -18.12
N ILE D 224 1.81 -14.68 -19.26
CA ILE D 224 2.38 -14.07 -20.48
C ILE D 224 1.37 -13.98 -21.63
N PRO D 225 1.03 -12.75 -22.07
CA PRO D 225 0.09 -12.59 -23.17
C PRO D 225 0.64 -13.31 -24.42
N ASN D 226 -0.15 -14.21 -24.99
CA ASN D 226 0.25 -14.97 -26.18
C ASN D 226 1.50 -15.82 -25.93
N GLY D 227 1.65 -16.33 -24.71
CA GLY D 227 2.82 -17.13 -24.39
C GLY D 227 2.65 -18.62 -24.46
N GLU D 228 1.48 -19.07 -24.90
CA GLU D 228 1.19 -20.51 -24.98
C GLU D 228 2.24 -21.34 -25.72
N ASN D 229 2.73 -20.81 -26.83
CA ASN D 229 3.71 -21.54 -27.62
C ASN D 229 5.17 -21.21 -27.39
N LEU D 230 5.46 -20.50 -26.31
CA LEU D 230 6.84 -20.15 -26.00
C LEU D 230 7.56 -21.38 -25.50
N SER D 231 8.81 -21.56 -25.92
CA SER D 231 9.59 -22.70 -25.47
C SER D 231 9.98 -22.44 -24.01
N ASN D 232 10.45 -23.48 -23.32
CA ASN D 232 10.85 -23.31 -21.93
C ASN D 232 11.92 -22.21 -21.81
N GLU D 233 12.82 -22.14 -22.80
CA GLU D 233 13.90 -21.15 -22.84
C GLU D 233 13.35 -19.77 -23.07
N GLU D 234 12.38 -19.66 -23.97
CA GLU D 234 11.76 -18.37 -24.24
C GLU D 234 10.95 -17.88 -23.03
N VAL D 235 10.38 -18.80 -22.27
CA VAL D 235 9.61 -18.45 -21.06
C VAL D 235 10.54 -17.81 -20.01
N ASP D 236 11.70 -18.44 -19.79
CA ASP D 236 12.70 -17.92 -18.86
C ASP D 236 13.24 -16.57 -19.31
N GLU D 237 13.50 -16.42 -20.60
CA GLU D 237 13.99 -15.16 -21.13
C GLU D 237 12.94 -14.06 -20.88
N TYR D 238 11.67 -14.40 -21.09
CA TYR D 238 10.56 -13.45 -20.87
C TYR D 238 10.49 -13.03 -19.40
N ALA D 239 10.51 -14.01 -18.52
CA ALA D 239 10.46 -13.77 -17.08
C ALA D 239 11.64 -12.89 -16.63
N ALA D 240 12.83 -13.20 -17.15
CA ALA D 240 14.05 -12.46 -16.82
C ALA D 240 14.01 -10.98 -17.23
N VAL D 241 13.55 -10.71 -18.44
CA VAL D 241 13.49 -9.36 -18.97
C VAL D 241 12.24 -8.55 -18.57
N GLN D 242 11.07 -9.17 -18.71
CA GLN D 242 9.83 -8.49 -18.37
C GLN D 242 9.60 -8.23 -16.90
N TRP D 243 9.96 -9.20 -16.05
CA TRP D 243 9.69 -9.07 -14.62
C TRP D 243 10.81 -8.63 -13.66
N SER D 244 11.97 -8.27 -14.20
CA SER D 244 13.02 -7.79 -13.33
C SER D 244 14.06 -6.96 -14.06
N PRO D 245 14.30 -5.75 -13.55
CA PRO D 245 15.29 -4.84 -14.14
C PRO D 245 16.68 -5.48 -13.99
N LEU D 246 16.78 -6.46 -13.08
CA LEU D 246 18.01 -7.20 -12.83
C LEU D 246 18.28 -8.27 -13.90
N ARG D 247 17.31 -8.47 -14.79
CA ARG D 247 17.42 -9.39 -15.93
C ARG D 247 17.74 -10.85 -15.68
N ARG D 248 17.05 -11.43 -14.70
CA ARG D 248 17.20 -12.85 -14.40
C ARG D 248 15.90 -13.40 -13.81
N VAL D 249 15.82 -14.72 -13.74
CA VAL D 249 14.64 -15.40 -13.22
C VAL D 249 14.78 -15.64 -11.72
N GLY D 250 13.68 -15.53 -10.98
CA GLY D 250 13.70 -15.76 -9.55
C GLY D 250 13.88 -17.24 -9.26
N LEU D 251 14.63 -17.56 -8.21
CA LEU D 251 14.90 -18.94 -7.84
C LEU D 251 14.53 -19.23 -6.38
N PRO D 252 14.22 -20.51 -6.06
CA PRO D 252 13.84 -20.89 -4.68
C PRO D 252 14.81 -20.36 -3.59
N ILE D 253 16.11 -20.31 -3.91
CA ILE D 253 17.12 -19.82 -2.97
C ILE D 253 16.92 -18.32 -2.64
N ASP D 254 16.42 -17.56 -3.62
CA ASP D 254 16.16 -16.13 -3.43
C ASP D 254 15.16 -15.93 -2.30
N ILE D 255 14.17 -16.82 -2.22
CA ILE D 255 13.12 -16.77 -1.20
C ILE D 255 13.61 -17.36 0.12
N ALA D 256 14.30 -18.49 0.04
CA ALA D 256 14.82 -19.16 1.22
C ALA D 256 15.75 -18.26 2.05
N ARG D 257 16.55 -17.43 1.36
CA ARG D 257 17.47 -16.52 2.05
C ARG D 257 16.73 -15.48 2.90
N VAL D 258 15.66 -14.91 2.34
CA VAL D 258 14.86 -13.92 3.05
C VAL D 258 14.14 -14.59 4.23
N VAL D 259 13.68 -15.82 4.04
CA VAL D 259 13.01 -16.56 5.11
C VAL D 259 13.98 -16.76 6.29
N CYS D 260 15.24 -17.10 5.98
CA CYS D 260 16.25 -17.30 7.01
C CYS D 260 16.52 -15.98 7.76
N PHE D 261 16.50 -14.86 7.04
CA PHE D 261 16.70 -13.55 7.68
C PHE D 261 15.56 -13.31 8.69
N LEU D 262 14.32 -13.47 8.22
CA LEU D 262 13.16 -13.25 9.09
C LEU D 262 13.13 -14.20 10.27
N ALA D 263 13.58 -15.43 10.04
CA ALA D 263 13.62 -16.46 11.08
C ALA D 263 14.72 -16.22 12.13
N SER D 264 15.72 -15.41 11.80
CA SER D 264 16.84 -15.11 12.70
C SER D 264 16.56 -13.92 13.61
N ASN D 265 17.51 -13.63 14.51
CA ASN D 265 17.38 -12.49 15.41
C ASN D 265 17.38 -11.15 14.67
N ASP D 266 17.95 -11.15 13.45
CA ASP D 266 18.00 -9.95 12.63
C ASP D 266 16.59 -9.48 12.28
N GLY D 267 15.64 -10.43 12.27
CA GLY D 267 14.27 -10.08 11.95
C GLY D 267 13.40 -9.74 13.15
N GLY D 268 14.02 -9.57 14.30
CA GLY D 268 13.30 -9.30 15.54
C GLY D 268 12.33 -8.13 15.58
N TRP D 269 12.66 -7.06 14.89
CA TRP D 269 11.80 -5.88 14.88
C TRP D 269 10.90 -5.81 13.63
N VAL D 270 10.98 -6.84 12.80
CA VAL D 270 10.15 -6.91 11.59
C VAL D 270 8.96 -7.83 11.91
N THR D 271 7.79 -7.26 12.11
CA THR D 271 6.59 -8.06 12.37
C THR D 271 5.37 -7.40 11.73
N GLY D 272 4.44 -8.24 11.29
CA GLY D 272 3.22 -7.78 10.64
C GLY D 272 3.47 -7.17 9.27
N LYS D 273 4.57 -7.57 8.63
CA LYS D 273 4.96 -7.01 7.35
C LYS D 273 4.86 -7.96 6.16
N VAL D 274 4.76 -7.35 4.98
CA VAL D 274 4.72 -8.09 3.72
C VAL D 274 6.06 -7.78 3.06
N ILE D 275 6.87 -8.80 2.81
CA ILE D 275 8.18 -8.63 2.20
C ILE D 275 8.15 -9.13 0.75
N GLY D 276 8.14 -8.21 -0.21
CA GLY D 276 8.13 -8.59 -1.61
C GLY D 276 9.51 -9.07 -2.09
N ILE D 277 9.57 -10.25 -2.69
CA ILE D 277 10.83 -10.82 -3.17
C ILE D 277 10.58 -11.23 -4.63
N ASP D 278 10.70 -10.24 -5.51
CA ASP D 278 10.40 -10.42 -6.92
C ASP D 278 11.38 -9.76 -7.89
N GLY D 279 12.57 -9.38 -7.40
CA GLY D 279 13.58 -8.74 -8.23
C GLY D 279 13.08 -7.42 -8.82
N GLY D 280 12.08 -6.82 -8.17
CA GLY D 280 11.52 -5.56 -8.63
C GLY D 280 10.46 -5.67 -9.72
N ALA D 281 9.75 -6.79 -9.76
CA ALA D 281 8.71 -7.03 -10.78
C ALA D 281 7.49 -6.12 -10.71
N CYS D 282 6.90 -5.87 -11.86
CA CYS D 282 5.68 -5.08 -11.95
C CYS D 282 4.70 -6.01 -12.66
N MET D 283 3.69 -6.48 -11.92
CA MET D 283 2.70 -7.39 -12.51
C MET D 283 1.26 -6.99 -12.20
#